data_8FEW
#
_entry.id   8FEW
#
_cell.length_a   165.069
_cell.length_b   165.069
_cell.length_c   208.599
_cell.angle_alpha   90.00
_cell.angle_beta   90.00
_cell.angle_gamma   90.00
#
_symmetry.space_group_name_H-M   'I 41 2 2'
#
loop_
_entity.id
_entity.type
_entity.pdbx_description
1 polymer '3-deoxyanthocyanidin synthase'
2 non-polymer NARINGENIN
3 non-polymer 'SULFATE ION'
4 water water
#
_entity_poly.entity_id   1
_entity_poly.type   'polypeptide(L)'
_entity_poly.pdbx_seq_one_letter_code
;MSSSAGNKKTMKTACVTGGSGYIGSALIKLLLEKGYAVKTTVRNPDDMEKNSHLKDLQKLGPLTVFRADMDEEGSFDDAV
AGCDYVFLVAAPLHFEAQDPEKEQIEPAIQGTLNTMRSCVKAGTVRRVILTSSVAAVYFRPDLLGDGHGHVLDEDSWSDV
DFLRAHKPPTWSHCVSKVLLEKEAGRFAEEHGISLVTILPVIVVGAAPAPKARSSIVDCLSMLSGDEAGLAMLRAIQKTS
GEVQLVHVDDLCRAELFLAENATANGRYICSRYHPTLVELATFLAQKYPQYGVKPTDFDDEERPRVTMSLEKLIREGFEY
KHNTLEEIYDNVVEYGKALGILPY
;
_entity_poly.pdbx_strand_id   A,B
#
loop_
_chem_comp.id
_chem_comp.type
_chem_comp.name
_chem_comp.formula
NAR non-polymer NARINGENIN 'C15 H12 O5'
SO4 non-polymer 'SULFATE ION' 'O4 S -2'
#
# COMPACT_ATOMS: atom_id res chain seq x y z
N MET A 11 -4.79 -5.47 34.83
CA MET A 11 -5.89 -4.92 34.04
C MET A 11 -5.82 -3.39 33.92
N LYS A 12 -5.58 -2.92 32.70
CA LYS A 12 -5.56 -1.49 32.43
C LYS A 12 -6.98 -0.96 32.26
N THR A 13 -7.12 0.36 32.40
CA THR A 13 -8.40 1.03 32.32
C THR A 13 -8.35 2.10 31.24
N ALA A 14 -9.44 2.26 30.50
CA ALA A 14 -9.44 3.18 29.37
C ALA A 14 -10.75 3.93 29.33
N CYS A 15 -10.69 5.19 28.89
CA CYS A 15 -11.87 6.02 28.73
C CYS A 15 -12.09 6.25 27.24
N VAL A 16 -13.36 6.18 26.82
CA VAL A 16 -13.75 6.41 25.44
C VAL A 16 -14.84 7.46 25.49
N THR A 17 -14.59 8.62 24.89
CA THR A 17 -15.61 9.66 24.82
C THR A 17 -16.56 9.37 23.66
N GLY A 18 -17.76 9.93 23.75
CA GLY A 18 -18.76 9.73 22.72
C GLY A 18 -19.21 8.28 22.60
N GLY A 19 -19.59 7.67 23.72
CA GLY A 19 -20.00 6.27 23.75
C GLY A 19 -21.28 5.96 23.00
N SER A 20 -22.12 6.96 22.76
CA SER A 20 -23.30 6.70 21.93
C SER A 20 -23.00 6.77 20.44
N GLY A 21 -21.78 7.21 20.07
CA GLY A 21 -21.44 7.40 18.68
C GLY A 21 -20.90 6.15 18.00
N TYR A 22 -20.86 6.23 16.67
CA TYR A 22 -20.39 5.14 15.82
C TYR A 22 -19.01 4.65 16.25
N ILE A 23 -18.01 5.52 16.16
CA ILE A 23 -16.65 5.09 16.44
C ILE A 23 -16.46 4.84 17.94
N GLY A 24 -17.06 5.67 18.79
CA GLY A 24 -16.94 5.45 20.22
C GLY A 24 -17.42 4.07 20.64
N SER A 25 -18.58 3.65 20.09
CA SER A 25 -19.17 2.38 20.51
C SER A 25 -18.34 1.20 20.02
N ALA A 26 -17.79 1.29 18.81
CA ALA A 26 -16.96 0.20 18.29
C ALA A 26 -15.66 0.09 19.07
N LEU A 27 -15.10 1.23 19.49
CA LEU A 27 -13.89 1.23 20.30
C LEU A 27 -14.14 0.55 21.65
N ILE A 28 -15.27 0.83 22.28
CA ILE A 28 -15.57 0.22 23.57
C ILE A 28 -15.61 -1.30 23.43
N LYS A 29 -16.28 -1.77 22.38
CA LYS A 29 -16.40 -3.21 22.13
C LYS A 29 -15.01 -3.84 22.02
N LEU A 30 -14.16 -3.30 21.14
CA LEU A 30 -12.80 -3.83 21.02
C LEU A 30 -12.09 -3.85 22.36
N LEU A 31 -12.18 -2.75 23.12
CA LEU A 31 -11.44 -2.66 24.37
C LEU A 31 -11.94 -3.70 25.37
N LEU A 32 -13.25 -3.85 25.50
CA LEU A 32 -13.77 -4.88 26.40
C LEU A 32 -13.30 -6.26 25.98
N GLU A 33 -13.44 -6.60 24.69
CA GLU A 33 -12.99 -7.89 24.21
C GLU A 33 -11.53 -8.14 24.57
N LYS A 34 -10.69 -7.11 24.51
CA LYS A 34 -9.26 -7.23 24.75
C LYS A 34 -8.91 -7.17 26.24
N GLY A 35 -9.89 -7.12 27.12
CA GLY A 35 -9.61 -7.26 28.54
C GLY A 35 -9.40 -5.97 29.30
N TYR A 36 -9.77 -4.83 28.73
CA TYR A 36 -9.66 -3.55 29.43
C TYR A 36 -10.89 -3.34 30.29
N ALA A 37 -10.70 -2.63 31.40
CA ALA A 37 -11.82 -1.96 32.04
C ALA A 37 -12.04 -0.64 31.32
N VAL A 38 -13.30 -0.28 31.11
CA VAL A 38 -13.63 0.83 30.22
C VAL A 38 -14.59 1.78 30.91
N LYS A 39 -14.32 3.08 30.74
CA LYS A 39 -15.22 4.13 31.17
C LYS A 39 -15.58 4.97 29.95
N THR A 40 -16.85 5.32 29.82
CA THR A 40 -17.29 6.06 28.64
C THR A 40 -18.17 7.22 29.07
N THR A 41 -18.28 8.22 28.21
CA THR A 41 -19.12 9.37 28.45
C THR A 41 -20.22 9.44 27.41
N VAL A 42 -21.40 9.89 27.84
CA VAL A 42 -22.53 10.19 26.97
C VAL A 42 -23.22 11.42 27.56
N ARG A 43 -23.95 12.15 26.70
CA ARG A 43 -24.53 13.40 27.18
C ARG A 43 -25.76 13.17 28.05
N ASN A 44 -26.41 12.00 27.94
CA ASN A 44 -27.60 11.70 28.74
C ASN A 44 -27.67 10.19 28.95
N PRO A 45 -27.01 9.68 30.01
CA PRO A 45 -26.94 8.22 30.19
C PRO A 45 -28.30 7.54 30.27
N ASP A 46 -29.39 8.30 30.26
CA ASP A 46 -30.72 7.72 30.36
C ASP A 46 -31.35 7.47 28.99
N ASP A 47 -31.16 8.39 28.04
CA ASP A 47 -31.69 8.22 26.69
C ASP A 47 -31.38 6.82 26.17
N MET A 48 -32.34 5.89 26.32
CA MET A 48 -32.12 4.54 25.82
C MET A 48 -32.43 4.40 24.34
N GLU A 49 -33.02 5.42 23.71
CA GLU A 49 -32.94 5.53 22.25
C GLU A 49 -31.50 5.39 21.79
N LYS A 50 -30.60 6.17 22.41
CA LYS A 50 -29.21 6.28 21.97
C LYS A 50 -28.28 5.31 22.66
N ASN A 51 -28.62 4.79 23.84
CA ASN A 51 -27.63 4.12 24.67
C ASN A 51 -27.99 2.69 25.04
N SER A 52 -28.97 2.08 24.38
CA SER A 52 -29.32 0.70 24.72
C SER A 52 -28.14 -0.24 24.54
N HIS A 53 -27.21 0.09 23.63
CA HIS A 53 -26.08 -0.80 23.38
C HIS A 53 -25.17 -0.91 24.60
N LEU A 54 -25.16 0.10 25.46
CA LEU A 54 -24.24 0.11 26.59
C LEU A 54 -24.58 -1.01 27.57
N LYS A 55 -25.87 -1.21 27.83
CA LYS A 55 -26.31 -2.36 28.63
C LYS A 55 -25.78 -3.66 28.03
N ASP A 56 -25.97 -3.84 26.72
CA ASP A 56 -25.44 -5.02 26.03
C ASP A 56 -23.92 -5.13 26.22
N LEU A 57 -23.21 -4.01 26.02
CA LEU A 57 -21.75 -4.07 26.05
C LEU A 57 -21.23 -4.40 27.45
N GLN A 58 -21.98 -4.04 28.49
CA GLN A 58 -21.55 -4.38 29.85
C GLN A 58 -21.40 -5.88 30.04
N LYS A 59 -22.04 -6.70 29.20
CA LYS A 59 -21.89 -8.14 29.31
C LYS A 59 -20.50 -8.61 28.91
N LEU A 60 -19.71 -7.79 28.22
CA LEU A 60 -18.40 -8.19 27.72
C LEU A 60 -17.29 -7.98 28.73
N GLY A 61 -17.51 -7.14 29.75
CA GLY A 61 -16.47 -6.78 30.68
C GLY A 61 -16.85 -5.56 31.50
N PRO A 62 -15.91 -5.04 32.29
CA PRO A 62 -16.23 -3.89 33.14
C PRO A 62 -16.39 -2.59 32.35
N LEU A 63 -17.61 -2.11 32.24
CA LEU A 63 -17.92 -0.88 31.51
C LEU A 63 -18.77 0.02 32.39
N THR A 64 -18.27 1.22 32.67
CA THR A 64 -18.96 2.20 33.50
C THR A 64 -19.29 3.43 32.65
N VAL A 65 -20.47 4.00 32.85
CA VAL A 65 -21.00 5.06 32.02
C VAL A 65 -21.08 6.35 32.83
N PHE A 66 -20.67 7.46 32.22
CA PHE A 66 -20.69 8.77 32.88
C PHE A 66 -21.40 9.79 32.00
N ARG A 67 -22.03 10.77 32.64
CA ARG A 67 -22.59 11.91 31.96
C ARG A 67 -21.52 12.99 31.84
N ALA A 68 -21.32 13.49 30.62
CA ALA A 68 -20.35 14.54 30.36
C ALA A 68 -20.73 15.25 29.08
N ASP A 69 -20.14 16.42 28.87
CA ASP A 69 -20.45 17.24 27.71
C ASP A 69 -19.25 18.09 27.36
N MET A 70 -18.83 18.04 26.08
CA MET A 70 -17.66 18.80 25.64
C MET A 70 -17.77 20.27 26.03
N ASP A 71 -18.98 20.82 25.98
CA ASP A 71 -19.21 22.25 26.14
C ASP A 71 -19.22 22.69 27.61
N GLU A 72 -19.00 21.77 28.54
CA GLU A 72 -19.18 22.00 29.97
C GLU A 72 -17.88 21.67 30.67
N GLU A 73 -17.20 22.70 31.18
CA GLU A 73 -15.83 22.49 31.67
C GLU A 73 -15.81 21.51 32.83
N GLY A 74 -14.82 20.61 32.79
CA GLY A 74 -14.58 19.68 33.87
C GLY A 74 -15.47 18.45 33.90
N SER A 75 -16.55 18.41 33.11
CA SER A 75 -17.47 17.29 33.20
C SER A 75 -16.80 15.94 32.88
N PHE A 76 -15.64 15.93 32.22
CA PHE A 76 -14.96 14.69 31.89
C PHE A 76 -14.05 14.20 33.00
N ASP A 77 -13.94 14.96 34.10
CA ASP A 77 -12.98 14.65 35.16
C ASP A 77 -13.20 13.24 35.70
N ASP A 78 -14.45 12.87 35.97
CA ASP A 78 -14.72 11.60 36.63
C ASP A 78 -14.44 10.43 35.68
N ALA A 79 -14.90 10.53 34.43
CA ALA A 79 -14.72 9.44 33.48
C ALA A 79 -13.25 9.15 33.22
N VAL A 80 -12.41 10.20 33.23
CA VAL A 80 -11.01 10.05 32.86
C VAL A 80 -10.14 9.61 34.04
N ALA A 81 -10.61 9.81 35.28
CA ALA A 81 -9.81 9.48 36.45
C ALA A 81 -9.42 8.01 36.46
N GLY A 82 -8.18 7.74 36.88
CA GLY A 82 -7.69 6.37 36.96
C GLY A 82 -7.33 5.72 35.64
N CYS A 83 -7.64 6.34 34.50
CA CYS A 83 -7.40 5.69 33.21
C CYS A 83 -5.94 5.72 32.79
N ASP A 84 -5.51 4.60 32.19
CA ASP A 84 -4.19 4.52 31.55
C ASP A 84 -4.21 5.11 30.15
N TYR A 85 -5.35 5.05 29.46
CA TYR A 85 -5.47 5.56 28.11
C TYR A 85 -6.79 6.29 28.00
N VAL A 86 -6.80 7.34 27.18
CA VAL A 86 -8.00 8.08 26.86
C VAL A 86 -8.15 8.11 25.35
N PHE A 87 -9.32 7.73 24.86
CA PHE A 87 -9.64 7.73 23.43
C PHE A 87 -10.58 8.90 23.18
N LEU A 88 -10.00 10.01 22.73
CA LEU A 88 -10.73 11.24 22.42
C LEU A 88 -11.37 11.12 21.05
N VAL A 89 -12.63 10.70 21.04
CA VAL A 89 -13.38 10.57 19.79
C VAL A 89 -14.12 11.89 19.60
N ALA A 90 -13.46 12.81 18.90
CA ALA A 90 -14.06 14.10 18.55
C ALA A 90 -15.01 13.86 17.39
N ALA A 91 -16.31 13.80 17.68
CA ALA A 91 -17.28 13.45 16.65
C ALA A 91 -18.21 14.61 16.33
N PRO A 92 -19.01 15.09 17.29
CA PRO A 92 -20.06 16.06 16.97
C PRO A 92 -19.48 17.44 16.69
N LEU A 93 -19.87 18.01 15.55
CA LEU A 93 -19.30 19.25 15.03
C LEU A 93 -20.06 20.48 15.50
N HIS A 94 -21.14 20.82 14.79
CA HIS A 94 -21.99 21.94 15.18
C HIS A 94 -23.19 22.03 14.24
N PHE A 95 -23.79 23.21 14.14
CA PHE A 95 -24.94 23.46 13.27
C PHE A 95 -24.61 24.69 12.42
N GLU A 96 -24.12 24.44 11.20
CA GLU A 96 -23.55 25.48 10.33
C GLU A 96 -24.34 26.79 10.39
N ALA A 97 -23.90 27.72 11.25
CA ALA A 97 -24.58 28.98 11.46
C ALA A 97 -23.90 30.08 10.64
N GLN A 98 -24.38 31.31 10.83
CA GLN A 98 -23.77 32.44 10.14
C GLN A 98 -22.29 32.55 10.45
N ASP A 99 -21.88 32.19 11.68
CA ASP A 99 -20.53 32.38 12.18
C ASP A 99 -19.91 31.02 12.53
N PRO A 100 -19.44 30.27 11.53
CA PRO A 100 -18.78 28.99 11.85
C PRO A 100 -17.59 29.14 12.78
N GLU A 101 -16.86 30.26 12.71
CA GLU A 101 -15.70 30.43 13.57
C GLU A 101 -16.05 30.49 15.05
N LYS A 102 -17.27 30.88 15.38
CA LYS A 102 -17.71 30.93 16.77
C LYS A 102 -18.68 29.80 17.14
N GLU A 103 -19.40 29.25 16.16
CA GLU A 103 -20.34 28.17 16.37
C GLU A 103 -19.73 26.79 16.19
N GLN A 104 -18.71 26.65 15.34
CA GLN A 104 -18.08 25.36 15.08
C GLN A 104 -16.61 25.35 15.46
N ILE A 105 -15.79 26.25 14.90
CA ILE A 105 -14.35 26.12 15.02
C ILE A 105 -13.91 26.31 16.46
N GLU A 106 -14.41 27.35 17.12
CA GLU A 106 -13.95 27.63 18.48
C GLU A 106 -14.45 26.60 19.49
N PRO A 107 -15.72 26.20 19.48
CA PRO A 107 -16.15 25.13 20.39
C PRO A 107 -15.40 23.83 20.18
N ALA A 108 -15.16 23.45 18.92
CA ALA A 108 -14.39 22.24 18.65
C ALA A 108 -13.03 22.30 19.33
N ILE A 109 -12.33 23.43 19.21
CA ILE A 109 -11.03 23.56 19.86
C ILE A 109 -11.18 23.45 21.37
N GLN A 110 -12.15 24.18 21.94
CA GLN A 110 -12.27 24.29 23.39
C GLN A 110 -12.83 23.01 23.98
N GLY A 111 -13.80 22.38 23.31
CA GLY A 111 -14.24 21.07 23.73
C GLY A 111 -13.10 20.07 23.83
N THR A 112 -12.20 20.09 22.84
CA THR A 112 -11.05 19.20 22.88
C THR A 112 -10.14 19.51 24.05
N LEU A 113 -9.85 20.80 24.27
CA LEU A 113 -8.97 21.16 25.38
C LEU A 113 -9.64 20.92 26.73
N ASN A 114 -10.96 21.07 26.79
CA ASN A 114 -11.70 20.70 27.99
C ASN A 114 -11.33 19.28 28.43
N THR A 115 -11.48 18.30 27.54
CA THR A 115 -11.22 16.91 27.90
C THR A 115 -9.73 16.67 28.15
N MET A 116 -8.86 17.31 27.37
CA MET A 116 -7.43 17.18 27.62
C MET A 116 -7.07 17.58 29.04
N ARG A 117 -7.76 18.60 29.59
CA ARG A 117 -7.46 19.04 30.94
C ARG A 117 -7.83 17.97 31.97
N SER A 118 -8.98 17.30 31.78
CA SER A 118 -9.31 16.15 32.62
C SER A 118 -8.19 15.12 32.60
N CYS A 119 -7.56 14.92 31.44
CA CYS A 119 -6.45 13.96 31.36
C CYS A 119 -5.28 14.40 32.23
N VAL A 120 -4.98 15.70 32.23
CA VAL A 120 -3.90 16.19 33.09
C VAL A 120 -4.30 16.04 34.55
N LYS A 121 -5.55 16.36 34.89
CA LYS A 121 -5.99 16.23 36.27
C LYS A 121 -5.92 14.78 36.73
N ALA A 122 -6.21 13.83 35.85
CA ALA A 122 -6.22 12.43 36.24
C ALA A 122 -4.84 11.99 36.73
N GLY A 123 -3.79 12.52 36.12
CA GLY A 123 -2.45 12.19 36.52
C GLY A 123 -1.99 10.81 36.11
N THR A 124 -2.93 9.93 35.73
CA THR A 124 -2.60 8.54 35.41
C THR A 124 -2.47 8.26 33.92
N VAL A 125 -2.78 9.22 33.06
CA VAL A 125 -2.99 8.95 31.64
C VAL A 125 -1.65 8.83 30.92
N ARG A 126 -1.35 7.62 30.43
CA ARG A 126 -0.11 7.39 29.70
C ARG A 126 -0.17 7.75 28.24
N ARG A 127 -1.36 7.87 27.67
CA ARG A 127 -1.45 8.30 26.27
C ARG A 127 -2.88 8.65 25.93
N VAL A 128 -3.03 9.72 25.15
CA VAL A 128 -4.31 10.11 24.58
C VAL A 128 -4.25 9.80 23.10
N ILE A 129 -5.28 9.12 22.60
CA ILE A 129 -5.42 8.86 21.17
C ILE A 129 -6.56 9.74 20.69
N LEU A 130 -6.25 10.66 19.79
CA LEU A 130 -7.25 11.55 19.22
C LEU A 130 -7.72 10.99 17.89
N THR A 131 -9.03 10.82 17.74
CA THR A 131 -9.60 10.44 16.45
C THR A 131 -9.95 11.72 15.69
N SER A 132 -9.22 11.99 14.62
CA SER A 132 -9.52 13.08 13.70
C SER A 132 -9.95 12.48 12.36
N SER A 133 -9.43 12.95 11.24
CA SER A 133 -9.84 12.52 9.91
C SER A 133 -8.91 13.14 8.89
N VAL A 134 -8.89 12.58 7.68
CA VAL A 134 -8.01 13.08 6.64
C VAL A 134 -8.56 14.41 6.15
N ALA A 135 -9.71 14.84 6.67
CA ALA A 135 -10.11 16.22 6.45
C ALA A 135 -8.98 17.18 6.82
N ALA A 136 -8.15 16.82 7.79
CA ALA A 136 -7.05 17.65 8.26
C ALA A 136 -5.77 17.45 7.44
N VAL A 137 -5.84 16.70 6.34
CA VAL A 137 -4.67 16.24 5.59
C VAL A 137 -4.73 16.67 4.13
N TYR A 138 -5.90 16.49 3.51
CA TYR A 138 -5.98 16.42 2.06
C TYR A 138 -6.05 17.77 1.35
N PHE A 139 -6.46 18.84 2.02
CA PHE A 139 -6.76 20.07 1.26
C PHE A 139 -5.48 20.83 1.00
N ARG A 140 -4.90 20.57 -0.17
CA ARG A 140 -3.59 21.09 -0.56
C ARG A 140 -3.78 21.78 -1.89
N PRO A 141 -4.31 23.01 -1.89
CA PRO A 141 -4.59 23.67 -3.17
C PRO A 141 -3.33 23.92 -3.98
N ASP A 142 -2.15 23.99 -3.35
CA ASP A 142 -0.92 24.03 -4.13
C ASP A 142 -0.73 22.78 -4.99
N LEU A 143 -1.51 21.72 -4.75
CA LEU A 143 -1.36 20.42 -5.39
C LEU A 143 -2.60 19.91 -6.10
N LEU A 144 -3.80 20.31 -5.67
CA LEU A 144 -5.01 19.69 -6.18
C LEU A 144 -5.35 20.09 -7.61
N GLY A 145 -4.76 21.16 -8.14
CA GLY A 145 -5.04 21.52 -9.52
C GLY A 145 -3.86 21.54 -10.46
N ASP A 146 -2.72 20.98 -10.06
CA ASP A 146 -1.48 21.11 -10.84
C ASP A 146 -1.32 20.04 -11.91
N GLY A 147 -2.29 19.15 -12.10
CA GLY A 147 -2.19 18.17 -13.17
C GLY A 147 -1.28 16.98 -12.89
N HIS A 148 -0.71 16.86 -11.70
CA HIS A 148 0.11 15.71 -11.37
C HIS A 148 -0.54 14.87 -10.27
N GLY A 149 -0.11 13.61 -10.18
CA GLY A 149 -0.45 12.81 -9.04
C GLY A 149 0.42 13.16 -7.85
N HIS A 150 -0.07 12.84 -6.66
CA HIS A 150 0.68 13.06 -5.45
C HIS A 150 0.31 11.99 -4.44
N VAL A 151 1.30 11.55 -3.68
CA VAL A 151 1.10 10.74 -2.48
C VAL A 151 1.31 11.67 -1.29
N LEU A 152 0.22 12.02 -0.63
CA LEU A 152 0.27 12.79 0.61
C LEU A 152 0.52 11.86 1.78
N ASP A 153 1.26 12.33 2.77
CA ASP A 153 1.51 11.56 3.98
C ASP A 153 1.22 12.46 5.18
N GLU A 154 1.71 12.04 6.35
CA GLU A 154 1.39 12.72 7.61
C GLU A 154 2.03 14.09 7.73
N ASP A 155 2.96 14.45 6.84
CA ASP A 155 3.50 15.82 6.81
C ASP A 155 2.54 16.81 6.16
N SER A 156 1.53 16.33 5.45
CA SER A 156 0.58 17.19 4.75
C SER A 156 -0.54 17.60 5.70
N TRP A 157 -0.86 18.90 5.67
CA TRP A 157 -1.92 19.50 6.48
C TRP A 157 -2.84 20.31 5.59
N SER A 158 -4.14 20.26 5.86
CA SER A 158 -5.09 21.07 5.10
C SER A 158 -4.78 22.56 5.29
N ASP A 159 -4.89 23.32 4.21
CA ASP A 159 -4.46 24.73 4.17
C ASP A 159 -5.52 25.62 4.85
N VAL A 160 -5.30 25.91 6.12
CA VAL A 160 -6.28 26.69 6.89
C VAL A 160 -6.42 28.11 6.33
N ASP A 161 -5.29 28.77 6.05
CA ASP A 161 -5.37 30.13 5.50
C ASP A 161 -6.23 30.14 4.24
N PHE A 162 -5.87 29.30 3.27
CA PHE A 162 -6.62 29.23 2.02
C PHE A 162 -8.10 28.95 2.28
N LEU A 163 -8.40 28.03 3.22
CA LEU A 163 -9.79 27.68 3.49
C LEU A 163 -10.57 28.87 4.04
N ARG A 164 -9.97 29.62 4.96
CA ARG A 164 -10.64 30.81 5.46
C ARG A 164 -10.77 31.88 4.39
N ALA A 165 -9.78 32.00 3.51
CA ALA A 165 -9.80 33.06 2.49
C ALA A 165 -10.93 32.84 1.49
N HIS A 166 -11.10 31.62 0.99
CA HIS A 166 -12.07 31.35 -0.08
C HIS A 166 -13.28 30.53 0.35
N LYS A 167 -13.31 29.99 1.56
CA LYS A 167 -14.46 29.33 2.16
C LYS A 167 -15.23 28.42 1.18
N PRO A 168 -14.55 27.45 0.56
CA PRO A 168 -15.28 26.43 -0.22
C PRO A 168 -16.17 25.61 0.69
N PRO A 169 -16.98 24.72 0.13
CA PRO A 169 -17.97 24.02 0.96
C PRO A 169 -17.31 23.03 1.91
N THR A 170 -17.79 23.03 3.16
CA THR A 170 -17.20 22.25 4.26
C THR A 170 -15.82 22.80 4.68
N TRP A 171 -15.55 24.08 4.40
CA TRP A 171 -14.27 24.65 4.80
C TRP A 171 -14.09 24.62 6.31
N SER A 172 -15.15 24.93 7.06
CA SER A 172 -15.02 25.05 8.51
C SER A 172 -14.81 23.69 9.15
N HIS A 173 -15.40 22.64 8.56
CA HIS A 173 -15.09 21.29 9.02
C HIS A 173 -13.58 21.03 8.97
N CYS A 174 -12.96 21.23 7.80
CA CYS A 174 -11.52 21.00 7.70
C CYS A 174 -10.75 21.89 8.67
N VAL A 175 -11.18 23.15 8.82
CA VAL A 175 -10.45 24.07 9.70
C VAL A 175 -10.58 23.64 11.16
N SER A 176 -11.80 23.30 11.58
CA SER A 176 -12.00 22.76 12.93
C SER A 176 -11.04 21.62 13.22
N LYS A 177 -10.98 20.63 12.33
CA LYS A 177 -10.17 19.44 12.59
C LYS A 177 -8.69 19.80 12.66
N VAL A 178 -8.21 20.63 11.73
CA VAL A 178 -6.79 21.02 11.77
C VAL A 178 -6.48 21.74 13.07
N LEU A 179 -7.35 22.68 13.48
CA LEU A 179 -6.99 23.53 14.60
C LEU A 179 -7.10 22.80 15.93
N LEU A 180 -8.08 21.92 16.08
CA LEU A 180 -8.16 21.15 17.32
C LEU A 180 -7.00 20.18 17.45
N GLU A 181 -6.53 19.62 16.33
CA GLU A 181 -5.36 18.76 16.42
C GLU A 181 -4.11 19.57 16.76
N LYS A 182 -3.91 20.71 16.09
CA LYS A 182 -2.77 21.58 16.41
C LYS A 182 -2.81 22.00 17.88
N GLU A 183 -3.99 22.43 18.34
CA GLU A 183 -4.11 22.92 19.71
C GLU A 183 -3.90 21.79 20.72
N ALA A 184 -4.58 20.65 20.51
CA ALA A 184 -4.41 19.54 21.44
C ALA A 184 -2.94 19.14 21.53
N GLY A 185 -2.23 19.15 20.40
CA GLY A 185 -0.83 18.77 20.45
C GLY A 185 0.02 19.79 21.18
N ARG A 186 -0.32 21.07 21.03
CA ARG A 186 0.35 22.13 21.76
C ARG A 186 0.11 21.97 23.27
N PHE A 187 -1.15 21.84 23.66
CA PHE A 187 -1.49 21.56 25.05
C PHE A 187 -0.76 20.32 25.58
N ALA A 188 -0.76 19.23 24.80
CA ALA A 188 -0.10 18.01 25.26
C ALA A 188 1.38 18.24 25.49
N GLU A 189 2.03 18.97 24.60
CA GLU A 189 3.46 19.21 24.76
C GLU A 189 3.75 20.02 26.01
N GLU A 190 2.90 21.01 26.31
CA GLU A 190 3.13 21.85 27.48
C GLU A 190 3.03 21.06 28.78
N HIS A 191 2.11 20.09 28.83
CA HIS A 191 1.90 19.33 30.06
C HIS A 191 2.56 17.96 30.03
N GLY A 192 3.49 17.73 29.11
CA GLY A 192 4.25 16.48 29.09
C GLY A 192 3.40 15.23 28.95
N ILE A 193 2.29 15.31 28.24
CA ILE A 193 1.42 14.16 28.03
C ILE A 193 1.57 13.66 26.60
N SER A 194 1.51 12.33 26.44
CA SER A 194 1.65 11.71 25.13
C SER A 194 0.33 11.77 24.37
N LEU A 195 0.34 12.46 23.23
CA LEU A 195 -0.82 12.55 22.35
C LEU A 195 -0.46 11.95 21.00
N VAL A 196 -1.28 11.03 20.53
CA VAL A 196 -1.15 10.47 19.18
C VAL A 196 -2.49 10.65 18.49
N THR A 197 -2.45 11.07 17.22
CA THR A 197 -3.64 11.36 16.45
C THR A 197 -3.76 10.39 15.30
N ILE A 198 -4.96 9.86 15.08
CA ILE A 198 -5.24 8.96 13.98
C ILE A 198 -6.21 9.66 13.02
N LEU A 199 -5.95 9.50 11.73
CA LEU A 199 -6.66 10.22 10.67
C LEU A 199 -7.37 9.24 9.73
N PRO A 200 -8.58 8.78 10.08
CA PRO A 200 -9.33 7.87 9.19
C PRO A 200 -9.77 8.54 7.90
N VAL A 201 -9.96 7.72 6.87
CA VAL A 201 -10.64 8.10 5.65
C VAL A 201 -12.13 7.75 5.81
N ILE A 202 -12.82 7.41 4.72
CA ILE A 202 -14.22 6.99 4.87
C ILE A 202 -14.25 5.64 5.61
N VAL A 203 -15.07 5.55 6.67
CA VAL A 203 -15.11 4.37 7.54
C VAL A 203 -16.34 3.52 7.19
N VAL A 204 -16.13 2.19 7.09
CA VAL A 204 -17.17 1.25 6.69
C VAL A 204 -17.29 0.16 7.76
N GLY A 205 -18.53 -0.19 8.09
CA GLY A 205 -18.74 -1.35 8.95
C GLY A 205 -19.79 -1.16 10.03
N ALA A 206 -20.18 -2.27 10.67
CA ALA A 206 -21.17 -2.27 11.74
C ALA A 206 -20.52 -1.85 13.05
N ALA A 207 -21.32 -1.25 13.92
CA ALA A 207 -20.89 -0.90 15.28
C ALA A 207 -22.06 -1.12 16.23
N PRO A 208 -21.79 -1.16 17.54
CA PRO A 208 -22.90 -1.35 18.49
C PRO A 208 -23.91 -0.22 18.50
N ALA A 209 -23.51 1.00 18.18
CA ALA A 209 -24.38 2.16 18.38
C ALA A 209 -25.70 2.00 17.63
N PRO A 210 -26.85 2.11 18.30
CA PRO A 210 -28.13 1.94 17.61
C PRO A 210 -28.64 3.19 16.90
N LYS A 211 -28.02 4.36 17.14
CA LYS A 211 -28.49 5.61 16.55
C LYS A 211 -27.39 6.34 15.78
N ALA A 212 -26.30 5.64 15.43
CA ALA A 212 -25.32 6.23 14.52
C ALA A 212 -25.98 6.54 13.18
N ARG A 213 -25.32 7.38 12.40
CA ARG A 213 -25.86 7.66 11.07
C ARG A 213 -24.85 8.41 10.21
N SER A 214 -24.44 9.60 10.64
CA SER A 214 -23.64 10.45 9.77
C SER A 214 -22.35 9.77 9.35
N SER A 215 -21.76 8.96 10.24
CA SER A 215 -20.50 8.29 9.94
C SER A 215 -20.65 7.17 8.91
N ILE A 216 -21.87 6.72 8.63
CA ILE A 216 -22.08 5.57 7.75
C ILE A 216 -22.81 5.96 6.45
N VAL A 217 -23.43 7.14 6.38
CA VAL A 217 -24.23 7.53 5.22
C VAL A 217 -23.40 7.46 3.93
N ASP A 218 -22.16 7.92 3.98
CA ASP A 218 -21.39 8.09 2.75
C ASP A 218 -21.12 6.74 2.09
N CYS A 219 -20.59 5.77 2.84
CA CYS A 219 -20.19 4.51 2.23
C CYS A 219 -21.40 3.70 1.76
N LEU A 220 -22.59 3.97 2.29
CA LEU A 220 -23.84 3.30 1.87
C LEU A 220 -24.60 4.08 0.80
N SER A 221 -24.07 5.22 0.33
CA SER A 221 -24.93 6.14 -0.40
C SER A 221 -25.25 5.64 -1.81
N MET A 222 -24.40 4.83 -2.44
CA MET A 222 -24.87 4.29 -3.72
C MET A 222 -25.99 3.26 -3.54
N LEU A 223 -26.12 2.65 -2.36
CA LEU A 223 -27.23 1.73 -2.12
C LEU A 223 -28.49 2.46 -1.68
N SER A 224 -28.35 3.49 -0.84
CA SER A 224 -29.50 4.27 -0.38
C SER A 224 -29.91 5.36 -1.36
N GLY A 225 -29.02 5.81 -2.24
CA GLY A 225 -29.37 6.95 -3.08
C GLY A 225 -29.34 8.30 -2.38
N ASP A 226 -28.84 8.37 -1.14
CA ASP A 226 -28.74 9.61 -0.39
C ASP A 226 -27.96 10.66 -1.18
N GLU A 227 -28.65 11.73 -1.58
CA GLU A 227 -28.04 12.72 -2.47
C GLU A 227 -26.82 13.38 -1.85
N ALA A 228 -26.86 13.64 -0.54
CA ALA A 228 -25.69 14.24 0.12
C ALA A 228 -24.50 13.29 0.08
N GLY A 229 -24.72 12.03 0.51
CA GLY A 229 -23.66 11.05 0.44
C GLY A 229 -23.07 10.93 -0.95
N LEU A 230 -23.93 10.83 -1.98
CA LEU A 230 -23.43 10.66 -3.34
C LEU A 230 -22.62 11.89 -3.80
N ALA A 231 -23.09 13.10 -3.46
CA ALA A 231 -22.34 14.30 -3.81
C ALA A 231 -20.97 14.32 -3.13
N MET A 232 -20.91 13.97 -1.85
CA MET A 232 -19.63 13.85 -1.15
C MET A 232 -18.67 12.93 -1.91
N LEU A 233 -19.13 11.71 -2.26
CA LEU A 233 -18.27 10.75 -2.95
C LEU A 233 -17.79 11.30 -4.29
N ARG A 234 -18.70 11.88 -5.07
CA ARG A 234 -18.28 12.40 -6.37
C ARG A 234 -17.31 13.56 -6.20
N ALA A 235 -17.51 14.38 -5.15
CA ALA A 235 -16.61 15.50 -4.89
C ALA A 235 -15.20 15.02 -4.56
N ILE A 236 -15.10 13.99 -3.70
CA ILE A 236 -13.79 13.43 -3.36
C ILE A 236 -13.12 12.90 -4.62
N GLN A 237 -13.87 12.23 -5.48
CA GLN A 237 -13.25 11.63 -6.67
C GLN A 237 -12.84 12.68 -7.69
N LYS A 238 -13.64 13.74 -7.85
CA LYS A 238 -13.21 14.81 -8.75
C LYS A 238 -11.93 15.48 -8.25
N THR A 239 -11.73 15.50 -6.93
CA THR A 239 -10.53 16.10 -6.34
C THR A 239 -9.32 15.18 -6.43
N SER A 240 -9.48 13.92 -5.97
CA SER A 240 -8.35 13.00 -5.83
C SER A 240 -8.30 11.91 -6.88
N GLY A 241 -9.34 11.74 -7.69
CA GLY A 241 -9.34 10.70 -8.70
C GLY A 241 -9.70 9.32 -8.18
N GLU A 242 -10.11 9.22 -6.91
CA GLU A 242 -10.42 7.99 -6.21
C GLU A 242 -10.99 8.41 -4.86
N VAL A 243 -11.61 7.46 -4.14
CA VAL A 243 -11.96 7.66 -2.73
C VAL A 243 -11.09 6.72 -1.91
N GLN A 244 -11.16 6.80 -0.58
CA GLN A 244 -10.37 5.92 0.26
C GLN A 244 -11.22 5.43 1.42
N LEU A 245 -11.08 4.13 1.74
CA LEU A 245 -11.96 3.43 2.67
C LEU A 245 -11.16 2.63 3.68
N VAL A 246 -11.76 2.42 4.84
CA VAL A 246 -11.18 1.58 5.88
C VAL A 246 -12.33 0.96 6.67
N HIS A 247 -12.15 -0.29 7.11
CA HIS A 247 -13.12 -0.95 7.96
C HIS A 247 -13.02 -0.41 9.39
N VAL A 248 -14.18 -0.13 9.99
CA VAL A 248 -14.23 0.41 11.35
C VAL A 248 -13.43 -0.48 12.33
N ASP A 249 -13.40 -1.79 12.09
CA ASP A 249 -12.71 -2.67 13.03
C ASP A 249 -11.21 -2.49 12.95
N ASP A 250 -10.68 -2.25 11.75
CA ASP A 250 -9.27 -1.95 11.62
C ASP A 250 -8.95 -0.57 12.23
N LEU A 251 -9.85 0.39 12.07
CA LEU A 251 -9.63 1.70 12.70
C LEU A 251 -9.54 1.53 14.22
N CYS A 252 -10.44 0.74 14.81
CA CYS A 252 -10.38 0.55 16.27
C CYS A 252 -9.11 -0.20 16.66
N ARG A 253 -8.75 -1.24 15.90
CA ARG A 253 -7.52 -1.96 16.22
C ARG A 253 -6.30 -1.06 16.07
N ALA A 254 -6.32 -0.14 15.11
CA ALA A 254 -5.19 0.79 14.96
C ALA A 254 -5.13 1.76 16.13
N GLU A 255 -6.28 2.24 16.62
CA GLU A 255 -6.28 3.10 17.79
C GLU A 255 -5.68 2.38 18.98
N LEU A 256 -6.06 1.12 19.19
CA LEU A 256 -5.50 0.38 20.31
C LEU A 256 -4.02 0.12 20.11
N PHE A 257 -3.62 -0.15 18.87
CA PHE A 257 -2.21 -0.34 18.56
C PHE A 257 -1.40 0.90 18.92
N LEU A 258 -1.87 2.07 18.49
CA LEU A 258 -1.16 3.31 18.81
C LEU A 258 -1.13 3.56 20.31
N ALA A 259 -2.19 3.20 21.05
CA ALA A 259 -2.16 3.36 22.50
C ALA A 259 -1.08 2.50 23.13
N GLU A 260 -0.96 1.23 22.70
CA GLU A 260 -0.16 0.23 23.40
C GLU A 260 1.30 0.20 22.96
N ASN A 261 1.64 0.74 21.79
CA ASN A 261 3.00 0.65 21.28
C ASN A 261 3.77 1.91 21.64
N ALA A 262 4.80 1.74 22.48
CA ALA A 262 5.49 2.87 23.10
C ALA A 262 6.07 3.83 22.06
N THR A 263 6.64 3.28 20.97
CA THR A 263 7.30 4.12 19.98
C THR A 263 6.32 4.91 19.10
N ALA A 264 5.02 4.62 19.15
CA ALA A 264 4.08 5.40 18.36
C ALA A 264 4.19 6.88 18.70
N ASN A 265 4.12 7.74 17.67
CA ASN A 265 4.43 9.15 17.86
C ASN A 265 3.82 9.99 16.73
N GLY A 266 3.16 11.10 17.09
CA GLY A 266 2.64 12.02 16.08
C GLY A 266 1.26 11.64 15.57
N ARG A 267 1.07 11.72 14.25
CA ARG A 267 -0.22 11.47 13.63
C ARG A 267 -0.07 10.35 12.59
N TYR A 268 -1.21 9.69 12.27
CA TYR A 268 -1.21 8.47 11.46
C TYR A 268 -2.44 8.44 10.56
N ILE A 269 -2.21 8.41 9.25
CA ILE A 269 -3.31 8.14 8.33
C ILE A 269 -3.75 6.69 8.52
N CYS A 270 -5.06 6.46 8.51
CA CYS A 270 -5.63 5.12 8.56
C CYS A 270 -6.53 4.89 7.34
N SER A 271 -6.11 4.03 6.44
CA SER A 271 -6.78 3.79 5.17
C SER A 271 -6.41 2.40 4.69
N ARG A 272 -7.28 1.79 3.87
CA ARG A 272 -6.86 0.49 3.34
C ARG A 272 -7.14 0.28 1.86
N TYR A 273 -8.24 0.79 1.32
CA TYR A 273 -8.60 0.55 -0.07
C TYR A 273 -8.94 1.87 -0.75
N HIS A 274 -8.45 2.10 -1.97
CA HIS A 274 -8.69 3.37 -2.67
C HIS A 274 -9.26 3.12 -4.06
N PRO A 275 -10.57 2.87 -4.15
CA PRO A 275 -11.21 2.60 -5.45
C PRO A 275 -11.69 3.87 -6.12
N THR A 276 -11.79 3.82 -7.44
CA THR A 276 -12.68 4.73 -8.14
C THR A 276 -14.13 4.41 -7.78
N LEU A 277 -15.00 5.39 -8.00
CA LEU A 277 -16.43 5.18 -7.77
C LEU A 277 -16.99 4.09 -8.68
N VAL A 278 -16.46 3.98 -9.90
CA VAL A 278 -16.96 2.94 -10.79
C VAL A 278 -16.51 1.56 -10.31
N GLU A 279 -15.32 1.43 -9.74
CA GLU A 279 -14.95 0.16 -9.13
C GLU A 279 -15.88 -0.16 -7.97
N LEU A 280 -16.12 0.82 -7.10
CA LEU A 280 -16.95 0.60 -5.91
C LEU A 280 -18.38 0.23 -6.29
N ALA A 281 -18.95 0.93 -7.28
CA ALA A 281 -20.32 0.65 -7.72
C ALA A 281 -20.43 -0.71 -8.42
N THR A 282 -19.39 -1.13 -9.15
CA THR A 282 -19.41 -2.45 -9.77
C THR A 282 -19.41 -3.53 -8.69
N PHE A 283 -18.58 -3.37 -7.68
CA PHE A 283 -18.58 -4.32 -6.58
C PHE A 283 -19.95 -4.37 -5.92
N LEU A 284 -20.48 -3.20 -5.53
CA LEU A 284 -21.74 -3.17 -4.79
C LEU A 284 -22.89 -3.72 -5.62
N ALA A 285 -22.94 -3.37 -6.92
CA ALA A 285 -24.01 -3.82 -7.80
C ALA A 285 -24.04 -5.34 -7.88
N GLN A 286 -22.85 -5.97 -7.94
CA GLN A 286 -22.82 -7.42 -8.07
C GLN A 286 -23.07 -8.10 -6.73
N LYS A 287 -22.48 -7.57 -5.66
CA LYS A 287 -22.64 -8.18 -4.36
C LYS A 287 -24.03 -7.97 -3.77
N TYR A 288 -24.66 -6.83 -4.09
CA TYR A 288 -25.96 -6.46 -3.51
C TYR A 288 -26.89 -5.96 -4.61
N PRO A 289 -27.30 -6.85 -5.53
CA PRO A 289 -28.13 -6.41 -6.67
C PRO A 289 -29.52 -5.93 -6.26
N GLN A 290 -29.98 -6.21 -5.04
CA GLN A 290 -31.32 -5.80 -4.67
C GLN A 290 -31.49 -4.28 -4.62
N TYR A 291 -30.41 -3.50 -4.64
CA TYR A 291 -30.55 -2.05 -4.52
C TYR A 291 -30.60 -1.34 -5.88
N GLY A 292 -30.26 -2.02 -6.97
CA GLY A 292 -30.38 -1.40 -8.29
C GLY A 292 -29.25 -0.48 -8.70
N VAL A 293 -28.10 -0.52 -8.02
CA VAL A 293 -26.96 0.30 -8.41
C VAL A 293 -26.70 0.11 -9.90
N LYS A 294 -26.47 1.20 -10.60
CA LYS A 294 -26.00 1.14 -11.99
C LYS A 294 -24.58 1.67 -12.06
N PRO A 295 -23.58 0.83 -12.29
CA PRO A 295 -22.20 1.34 -12.28
C PRO A 295 -21.94 2.45 -13.30
N THR A 296 -22.71 2.49 -14.39
CA THR A 296 -22.50 3.54 -15.39
C THR A 296 -22.86 4.92 -14.86
N ASP A 297 -23.71 5.00 -13.84
CA ASP A 297 -23.98 6.26 -13.15
C ASP A 297 -22.71 6.89 -12.59
N PHE A 298 -21.61 6.14 -12.56
CA PHE A 298 -20.38 6.62 -11.92
C PHE A 298 -19.19 6.56 -12.87
N ASP A 299 -19.41 6.38 -14.16
CA ASP A 299 -18.29 6.50 -15.09
C ASP A 299 -17.73 7.91 -15.04
N ASP A 300 -16.42 8.00 -15.23
CA ASP A 300 -15.69 9.23 -15.09
C ASP A 300 -14.38 9.05 -15.82
N GLU A 301 -13.85 10.14 -16.36
CA GLU A 301 -12.53 10.06 -16.95
C GLU A 301 -11.49 9.86 -15.85
N GLU A 302 -10.38 9.25 -16.24
CA GLU A 302 -9.27 9.07 -15.30
C GLU A 302 -8.62 10.42 -14.99
N ARG A 303 -8.47 10.72 -13.70
CA ARG A 303 -7.79 11.92 -13.22
C ARG A 303 -6.49 11.56 -12.53
N PRO A 304 -5.54 12.50 -12.44
CA PRO A 304 -4.33 12.22 -11.66
C PRO A 304 -4.72 11.86 -10.24
N ARG A 305 -3.98 10.93 -9.64
CA ARG A 305 -4.34 10.37 -8.35
C ARG A 305 -3.67 11.16 -7.24
N VAL A 306 -4.46 11.68 -6.31
CA VAL A 306 -3.95 12.27 -5.08
C VAL A 306 -4.41 11.39 -3.94
N THR A 307 -3.48 10.61 -3.39
CA THR A 307 -3.80 9.51 -2.48
C THR A 307 -3.06 9.71 -1.16
N MET A 308 -3.66 9.21 -0.09
CA MET A 308 -3.07 9.25 1.24
C MET A 308 -2.25 8.01 1.49
N SER A 309 -0.97 8.18 1.83
CA SER A 309 -0.13 7.02 2.11
C SER A 309 -0.58 6.30 3.37
N LEU A 310 -0.57 4.96 3.31
CA LEU A 310 -0.95 4.09 4.43
C LEU A 310 0.24 3.68 5.26
N GLU A 311 1.45 4.02 4.85
CA GLU A 311 2.62 3.25 5.22
C GLU A 311 3.16 3.53 6.61
N LYS A 312 2.88 4.71 7.19
CA LYS A 312 3.42 4.97 8.52
C LYS A 312 2.98 3.90 9.52
N LEU A 313 1.68 3.66 9.60
CA LEU A 313 1.20 2.60 10.49
C LEU A 313 1.81 1.26 10.13
N ILE A 314 1.94 0.96 8.83
CA ILE A 314 2.49 -0.32 8.39
C ILE A 314 3.91 -0.50 8.89
N ARG A 315 4.76 0.50 8.68
CA ARG A 315 6.14 0.24 9.08
C ARG A 315 6.33 0.33 10.58
N GLU A 316 5.30 0.75 11.32
CA GLU A 316 5.35 0.63 12.77
C GLU A 316 4.88 -0.72 13.29
N GLY A 317 4.41 -1.61 12.42
CA GLY A 317 4.09 -2.97 12.80
C GLY A 317 2.62 -3.32 12.75
N PHE A 318 1.75 -2.39 12.42
CA PHE A 318 0.33 -2.67 12.41
C PHE A 318 -0.04 -3.49 11.18
N GLU A 319 -1.10 -4.29 11.30
CA GLU A 319 -1.57 -5.12 10.20
C GLU A 319 -3.08 -4.97 10.07
N TYR A 320 -3.53 -4.61 8.87
CA TYR A 320 -4.95 -4.56 8.56
C TYR A 320 -5.49 -5.97 8.34
N LYS A 321 -6.73 -6.20 8.80
CA LYS A 321 -7.39 -7.49 8.63
C LYS A 321 -8.44 -7.47 7.54
N HIS A 322 -9.03 -6.31 7.23
CA HIS A 322 -10.00 -6.20 6.15
C HIS A 322 -9.31 -5.54 4.96
N ASN A 323 -8.84 -6.37 4.02
CA ASN A 323 -7.90 -5.94 3.00
C ASN A 323 -8.49 -5.82 1.61
N THR A 324 -9.53 -6.57 1.28
CA THR A 324 -10.15 -6.43 -0.02
C THR A 324 -11.35 -5.52 0.14
N LEU A 325 -11.87 -5.07 -1.01
CA LEU A 325 -13.07 -4.24 -0.98
C LEU A 325 -14.23 -5.01 -0.40
N GLU A 326 -14.34 -6.29 -0.76
CA GLU A 326 -15.44 -7.10 -0.24
C GLU A 326 -15.31 -7.25 1.27
N GLU A 327 -14.08 -7.46 1.77
CA GLU A 327 -13.92 -7.58 3.22
C GLU A 327 -14.24 -6.27 3.95
N ILE A 328 -13.88 -5.12 3.37
CA ILE A 328 -14.22 -3.86 4.04
C ILE A 328 -15.73 -3.68 4.13
N TYR A 329 -16.47 -4.18 3.14
CA TYR A 329 -17.94 -4.13 3.14
C TYR A 329 -18.58 -5.39 3.73
N ASP A 330 -17.86 -6.13 4.57
CA ASP A 330 -18.35 -7.46 4.97
C ASP A 330 -19.61 -7.40 5.83
N ASN A 331 -19.88 -6.29 6.54
CA ASN A 331 -21.04 -6.30 7.43
C ASN A 331 -21.79 -4.99 7.52
N VAL A 332 -21.51 -4.00 6.67
CA VAL A 332 -22.11 -2.68 6.83
C VAL A 332 -23.57 -2.66 6.32
N VAL A 333 -23.88 -3.45 5.30
CA VAL A 333 -25.25 -3.42 4.76
C VAL A 333 -26.25 -3.84 5.82
N GLU A 334 -25.94 -4.89 6.57
CA GLU A 334 -26.83 -5.31 7.64
C GLU A 334 -26.98 -4.22 8.68
N TYR A 335 -25.88 -3.54 8.99
CA TYR A 335 -25.95 -2.41 9.92
C TYR A 335 -26.85 -1.32 9.37
N GLY A 336 -26.72 -1.03 8.07
CA GLY A 336 -27.54 0.01 7.47
C GLY A 336 -29.02 -0.33 7.49
N LYS A 337 -29.36 -1.57 7.12
CA LYS A 337 -30.74 -2.04 7.25
C LYS A 337 -31.25 -1.79 8.66
N ALA A 338 -30.46 -2.19 9.65
CA ALA A 338 -30.85 -2.05 11.05
C ALA A 338 -31.09 -0.60 11.42
N LEU A 339 -30.20 0.30 10.98
CA LEU A 339 -30.34 1.71 11.32
C LEU A 339 -31.47 2.40 10.57
N GLY A 340 -31.96 1.81 9.48
CA GLY A 340 -32.90 2.50 8.63
C GLY A 340 -32.28 3.36 7.56
N ILE A 341 -30.94 3.42 7.48
CA ILE A 341 -30.30 4.08 6.33
C ILE A 341 -30.73 3.39 5.05
N LEU A 342 -30.83 2.06 5.09
CA LEU A 342 -31.30 1.36 3.92
C LEU A 342 -32.75 0.93 4.10
N PRO A 343 -33.60 1.10 3.08
CA PRO A 343 -35.04 0.82 3.27
C PRO A 343 -35.37 -0.66 3.35
N TYR A 344 -34.49 -1.55 2.90
CA TYR A 344 -34.71 -2.99 2.97
C TYR A 344 -33.35 -3.64 2.79
N MET B 11 36.37 -1.92 2.22
CA MET B 11 35.53 -1.88 1.04
C MET B 11 34.97 -3.26 0.69
N LYS B 12 33.64 -3.34 0.62
CA LYS B 12 32.98 -4.61 0.35
C LYS B 12 32.93 -4.88 -1.15
N THR B 13 32.87 -6.15 -1.51
CA THR B 13 32.87 -6.57 -2.90
C THR B 13 31.59 -7.36 -3.20
N ALA B 14 31.01 -7.10 -4.38
CA ALA B 14 29.75 -7.71 -4.79
C ALA B 14 29.88 -8.28 -6.20
N CYS B 15 29.30 -9.45 -6.42
CA CYS B 15 29.18 -10.01 -7.77
C CYS B 15 27.75 -9.86 -8.28
N VAL B 16 27.61 -9.43 -9.52
CA VAL B 16 26.32 -9.38 -10.22
C VAL B 16 26.40 -10.30 -11.42
N THR B 17 25.58 -11.35 -11.44
CA THR B 17 25.55 -12.21 -12.62
C THR B 17 24.68 -11.58 -13.71
N GLY B 18 24.97 -11.94 -14.96
CA GLY B 18 24.25 -11.35 -16.07
C GLY B 18 24.41 -9.84 -16.18
N GLY B 19 25.66 -9.37 -16.15
CA GLY B 19 25.92 -7.94 -16.23
C GLY B 19 25.55 -7.30 -17.57
N SER B 20 25.30 -8.10 -18.61
CA SER B 20 24.85 -7.56 -19.89
C SER B 20 23.38 -7.20 -19.89
N GLY B 21 22.60 -7.72 -18.93
CA GLY B 21 21.16 -7.59 -18.96
C GLY B 21 20.65 -6.30 -18.31
N TYR B 22 19.34 -6.10 -18.47
CA TYR B 22 18.63 -4.93 -17.96
C TYR B 22 18.86 -4.77 -16.46
N ILE B 23 18.35 -5.72 -15.67
CA ILE B 23 18.43 -5.59 -14.21
C ILE B 23 19.89 -5.65 -13.75
N GLY B 24 20.65 -6.60 -14.29
CA GLY B 24 22.06 -6.70 -13.93
C GLY B 24 22.81 -5.39 -14.11
N SER B 25 22.64 -4.73 -15.26
CA SER B 25 23.37 -3.49 -15.47
C SER B 25 22.94 -2.43 -14.47
N ALA B 26 21.65 -2.39 -14.11
CA ALA B 26 21.20 -1.37 -13.17
C ALA B 26 21.74 -1.64 -11.77
N LEU B 27 21.86 -2.91 -11.39
CA LEU B 27 22.45 -3.26 -10.09
C LEU B 27 23.91 -2.81 -10.03
N ILE B 28 24.68 -3.09 -11.08
CA ILE B 28 26.08 -2.70 -11.10
C ILE B 28 26.22 -1.19 -10.92
N LYS B 29 25.39 -0.42 -11.60
CA LYS B 29 25.48 1.03 -11.46
C LYS B 29 25.26 1.44 -10.01
N LEU B 30 24.21 0.92 -9.38
CA LEU B 30 23.91 1.29 -7.99
C LEU B 30 25.05 0.86 -7.06
N LEU B 31 25.54 -0.37 -7.22
CA LEU B 31 26.63 -0.85 -6.35
C LEU B 31 27.84 0.08 -6.44
N LEU B 32 28.26 0.43 -7.66
CA LEU B 32 29.37 1.36 -7.83
C LEU B 32 29.10 2.69 -7.15
N GLU B 33 27.93 3.28 -7.41
CA GLU B 33 27.59 4.57 -6.83
C GLU B 33 27.66 4.53 -5.30
N LYS B 34 27.44 3.36 -4.71
CA LYS B 34 27.43 3.21 -3.26
C LYS B 34 28.77 2.78 -2.69
N GLY B 35 29.83 2.82 -3.50
CA GLY B 35 31.17 2.58 -2.99
C GLY B 35 31.64 1.14 -3.06
N TYR B 36 30.86 0.25 -3.68
CA TYR B 36 31.25 -1.14 -3.77
C TYR B 36 32.24 -1.36 -4.90
N ALA B 37 33.07 -2.40 -4.75
CA ALA B 37 33.80 -2.97 -5.86
C ALA B 37 32.95 -4.09 -6.44
N VAL B 38 32.79 -4.11 -7.76
CA VAL B 38 31.85 -5.03 -8.39
C VAL B 38 32.59 -5.99 -9.31
N LYS B 39 32.21 -7.25 -9.25
CA LYS B 39 32.54 -8.25 -10.26
C LYS B 39 31.24 -8.66 -10.93
N THR B 40 31.30 -8.84 -12.26
CA THR B 40 30.13 -9.23 -13.02
C THR B 40 30.52 -10.28 -14.05
N THR B 41 29.54 -11.09 -14.45
CA THR B 41 29.75 -12.13 -15.44
C THR B 41 28.93 -11.80 -16.69
N VAL B 42 29.51 -12.15 -17.85
CA VAL B 42 28.87 -12.07 -19.15
C VAL B 42 29.30 -13.31 -19.93
N ARG B 43 28.62 -13.57 -21.04
CA ARG B 43 28.94 -14.79 -21.78
C ARG B 43 30.02 -14.58 -22.84
N ASN B 44 30.31 -13.34 -23.22
CA ASN B 44 31.41 -13.05 -24.15
C ASN B 44 31.96 -11.69 -23.82
N PRO B 45 32.97 -11.62 -22.94
CA PRO B 45 33.51 -10.32 -22.56
C PRO B 45 34.01 -9.50 -23.73
N ASP B 46 34.32 -10.13 -24.86
CA ASP B 46 34.84 -9.43 -26.03
C ASP B 46 33.75 -8.79 -26.87
N ASP B 47 32.47 -9.15 -26.65
CA ASP B 47 31.37 -8.53 -27.37
C ASP B 47 31.14 -7.11 -26.85
N MET B 48 31.84 -6.13 -27.41
CA MET B 48 31.72 -4.79 -26.83
C MET B 48 30.52 -4.03 -27.36
N GLU B 49 29.79 -4.58 -28.33
CA GLU B 49 28.49 -4.02 -28.66
C GLU B 49 27.48 -4.34 -27.56
N LYS B 50 27.46 -5.59 -27.11
CA LYS B 50 26.56 -5.98 -26.02
C LYS B 50 27.01 -5.42 -24.67
N ASN B 51 28.31 -5.20 -24.48
CA ASN B 51 28.84 -4.92 -23.15
C ASN B 51 29.51 -3.55 -23.04
N SER B 52 29.22 -2.63 -23.96
CA SER B 52 29.86 -1.31 -23.93
C SER B 52 29.61 -0.58 -22.62
N HIS B 53 28.46 -0.82 -21.97
CA HIS B 53 28.14 -0.11 -20.74
C HIS B 53 29.11 -0.49 -19.62
N LEU B 54 29.63 -1.70 -19.64
CA LEU B 54 30.57 -2.12 -18.61
C LEU B 54 31.83 -1.28 -18.65
N LYS B 55 32.25 -0.85 -19.85
CA LYS B 55 33.39 0.06 -19.95
C LYS B 55 33.05 1.44 -19.37
N ASP B 56 31.89 1.98 -19.74
CA ASP B 56 31.44 3.24 -19.15
C ASP B 56 31.39 3.16 -17.64
N LEU B 57 30.81 2.08 -17.11
CA LEU B 57 30.61 1.97 -15.67
C LEU B 57 31.93 1.89 -14.92
N GLN B 58 33.00 1.39 -15.56
CA GLN B 58 34.30 1.35 -14.90
C GLN B 58 34.76 2.74 -14.47
N LYS B 59 34.15 3.79 -15.02
CA LYS B 59 34.44 5.16 -14.61
C LYS B 59 33.83 5.54 -13.27
N LEU B 60 33.05 4.65 -12.65
CA LEU B 60 32.42 4.94 -11.36
C LEU B 60 33.08 4.23 -10.19
N GLY B 61 33.85 3.19 -10.44
CA GLY B 61 34.45 2.41 -9.38
C GLY B 61 35.05 1.14 -9.94
N PRO B 62 35.57 0.29 -9.06
CA PRO B 62 36.19 -0.96 -9.52
C PRO B 62 35.18 -1.93 -10.12
N LEU B 63 35.28 -2.17 -11.43
CA LEU B 63 34.40 -3.13 -12.09
C LEU B 63 35.25 -4.10 -12.88
N THR B 64 35.15 -5.39 -12.55
CA THR B 64 35.87 -6.47 -13.20
C THR B 64 34.87 -7.38 -13.90
N VAL B 65 35.17 -7.73 -15.15
CA VAL B 65 34.29 -8.54 -15.98
C VAL B 65 34.85 -9.95 -16.07
N PHE B 66 33.96 -10.94 -15.98
CA PHE B 66 34.35 -12.33 -16.12
C PHE B 66 33.43 -13.02 -17.11
N ARG B 67 33.95 -14.09 -17.73
CA ARG B 67 33.15 -14.98 -18.55
C ARG B 67 32.58 -16.08 -17.68
N ALA B 68 31.31 -16.41 -17.92
CA ALA B 68 30.63 -17.47 -17.19
C ALA B 68 29.35 -17.82 -17.92
N ASP B 69 28.90 -19.05 -17.73
CA ASP B 69 27.66 -19.53 -18.33
C ASP B 69 27.00 -20.50 -17.37
N MET B 70 25.66 -20.41 -17.26
CA MET B 70 24.91 -21.20 -16.28
C MET B 70 25.00 -22.70 -16.57
N ASP B 71 25.09 -23.09 -17.84
CA ASP B 71 25.20 -24.51 -18.19
C ASP B 71 26.61 -25.05 -18.05
N GLU B 72 27.59 -24.21 -17.69
CA GLU B 72 28.99 -24.62 -17.58
C GLU B 72 29.35 -24.69 -16.10
N GLU B 73 29.39 -25.91 -15.58
CA GLU B 73 29.61 -26.12 -14.15
C GLU B 73 30.91 -25.46 -13.69
N GLY B 74 30.83 -24.71 -12.59
CA GLY B 74 31.99 -24.09 -12.00
C GLY B 74 32.45 -22.80 -12.64
N SER B 75 31.87 -22.41 -13.78
CA SER B 75 32.39 -21.24 -14.49
C SER B 75 32.25 -19.94 -13.70
N PHE B 76 31.45 -19.92 -12.64
CA PHE B 76 31.27 -18.73 -11.83
C PHE B 76 32.28 -18.63 -10.69
N ASP B 77 33.22 -19.58 -10.57
CA ASP B 77 34.09 -19.64 -9.40
C ASP B 77 34.87 -18.35 -9.21
N ASP B 78 35.61 -17.92 -10.24
CA ASP B 78 36.45 -16.74 -10.08
C ASP B 78 35.64 -15.46 -9.88
N ALA B 79 34.43 -15.40 -10.43
CA ALA B 79 33.64 -14.17 -10.33
C ALA B 79 33.11 -13.98 -8.91
N VAL B 80 32.65 -15.06 -8.26
CA VAL B 80 32.06 -14.89 -6.94
C VAL B 80 33.15 -14.83 -5.87
N ALA B 81 34.32 -15.45 -6.14
CA ALA B 81 35.39 -15.51 -5.15
C ALA B 81 35.71 -14.12 -4.62
N GLY B 82 35.87 -14.02 -3.30
CA GLY B 82 36.18 -12.75 -2.67
C GLY B 82 35.00 -11.82 -2.45
N CYS B 83 33.80 -12.23 -2.82
CA CYS B 83 32.64 -11.35 -2.77
C CYS B 83 31.93 -11.47 -1.43
N ASP B 84 31.53 -10.31 -0.89
CA ASP B 84 30.70 -10.30 0.31
C ASP B 84 29.26 -10.65 -0.03
N TYR B 85 28.74 -10.12 -1.14
CA TYR B 85 27.37 -10.34 -1.58
C TYR B 85 27.38 -10.80 -3.04
N VAL B 86 26.44 -11.68 -3.37
CA VAL B 86 26.27 -12.15 -4.73
C VAL B 86 24.82 -11.91 -5.14
N PHE B 87 24.63 -11.19 -6.24
CA PHE B 87 23.31 -10.93 -6.82
C PHE B 87 23.12 -11.85 -8.01
N LEU B 88 22.36 -12.92 -7.82
CA LEU B 88 21.99 -13.84 -8.89
C LEU B 88 20.79 -13.28 -9.63
N VAL B 89 21.02 -12.73 -10.83
CA VAL B 89 19.95 -12.21 -11.67
C VAL B 89 19.61 -13.30 -12.69
N ALA B 90 18.46 -13.95 -12.50
CA ALA B 90 18.05 -15.05 -13.39
C ALA B 90 17.87 -14.56 -14.82
N ALA B 91 18.26 -15.38 -15.79
CA ALA B 91 18.10 -15.01 -17.18
C ALA B 91 16.63 -15.15 -17.60
N PRO B 92 16.10 -14.20 -18.36
CA PRO B 92 14.74 -14.36 -18.90
C PRO B 92 14.68 -15.45 -19.95
N LEU B 93 13.55 -16.15 -20.02
CA LEU B 93 13.47 -17.34 -20.85
C LEU B 93 13.79 -17.04 -22.31
N HIS B 94 13.10 -16.07 -22.92
CA HIS B 94 13.41 -15.68 -24.30
C HIS B 94 13.18 -16.83 -25.28
N PHE B 95 12.09 -16.76 -26.05
CA PHE B 95 11.68 -17.81 -26.99
C PHE B 95 11.08 -19.03 -26.30
N GLU B 96 10.17 -19.70 -27.00
CA GLU B 96 9.54 -20.90 -26.49
C GLU B 96 10.36 -22.13 -26.85
N ALA B 97 9.87 -23.31 -26.46
CA ALA B 97 10.62 -24.53 -26.62
C ALA B 97 9.65 -25.69 -26.81
N GLN B 98 10.09 -26.68 -27.58
CA GLN B 98 9.26 -27.86 -27.75
C GLN B 98 9.06 -28.60 -26.44
N ASP B 99 10.14 -28.80 -25.68
CA ASP B 99 10.11 -29.51 -24.40
C ASP B 99 10.58 -28.56 -23.31
N PRO B 100 9.68 -27.77 -22.72
CA PRO B 100 10.11 -26.79 -21.71
C PRO B 100 10.72 -27.43 -20.47
N GLU B 101 10.28 -28.64 -20.09
CA GLU B 101 10.88 -29.29 -18.93
C GLU B 101 12.36 -29.54 -19.15
N LYS B 102 12.73 -30.13 -20.29
CA LYS B 102 14.12 -30.45 -20.56
C LYS B 102 14.92 -29.23 -21.02
N GLU B 103 14.27 -28.29 -21.72
CA GLU B 103 14.95 -27.18 -22.34
C GLU B 103 15.00 -25.93 -21.47
N GLN B 104 14.03 -25.75 -20.58
CA GLN B 104 13.93 -24.52 -19.79
C GLN B 104 13.89 -24.80 -18.29
N ILE B 105 12.94 -25.60 -17.82
CA ILE B 105 12.71 -25.73 -16.39
C ILE B 105 13.93 -26.35 -15.71
N GLU B 106 14.32 -27.54 -16.16
CA GLU B 106 15.48 -28.22 -15.58
C GLU B 106 16.77 -27.42 -15.72
N PRO B 107 17.10 -26.85 -16.87
CA PRO B 107 18.30 -26.02 -16.94
C PRO B 107 18.26 -24.81 -16.02
N ALA B 108 17.08 -24.26 -15.76
CA ALA B 108 16.96 -23.14 -14.83
C ALA B 108 17.35 -23.56 -13.42
N ILE B 109 16.83 -24.71 -12.96
CA ILE B 109 17.22 -25.21 -11.64
C ILE B 109 18.72 -25.44 -11.59
N GLN B 110 19.24 -26.26 -12.51
CA GLN B 110 20.64 -26.64 -12.52
C GLN B 110 21.54 -25.42 -12.59
N GLY B 111 21.22 -24.47 -13.48
CA GLY B 111 22.07 -23.30 -13.60
C GLY B 111 22.12 -22.50 -12.32
N THR B 112 20.99 -22.43 -11.61
CA THR B 112 20.95 -21.70 -10.35
C THR B 112 21.81 -22.40 -9.30
N LEU B 113 21.66 -23.71 -9.17
CA LEU B 113 22.51 -24.47 -8.25
C LEU B 113 23.99 -24.30 -8.60
N ASN B 114 24.33 -24.38 -9.90
CA ASN B 114 25.71 -24.18 -10.34
C ASN B 114 26.29 -22.92 -9.70
N THR B 115 25.57 -21.82 -9.75
CA THR B 115 26.09 -20.59 -9.18
C THR B 115 26.08 -20.64 -7.65
N MET B 116 25.06 -21.27 -7.06
CA MET B 116 25.06 -21.48 -5.61
C MET B 116 26.36 -22.14 -5.16
N ARG B 117 26.76 -23.22 -5.85
CA ARG B 117 27.97 -23.95 -5.47
C ARG B 117 29.19 -23.03 -5.50
N SER B 118 29.33 -22.21 -6.54
CA SER B 118 30.46 -21.28 -6.58
C SER B 118 30.42 -20.32 -5.41
N CYS B 119 29.24 -20.09 -4.82
CA CYS B 119 29.10 -19.16 -3.70
C CYS B 119 29.58 -19.79 -2.39
N VAL B 120 29.19 -21.03 -2.12
CA VAL B 120 29.72 -21.72 -0.95
C VAL B 120 31.24 -21.84 -1.10
N LYS B 121 31.69 -22.32 -2.26
CA LYS B 121 33.12 -22.52 -2.49
C LYS B 121 33.92 -21.25 -2.25
N ALA B 122 33.32 -20.09 -2.44
CA ALA B 122 34.05 -18.86 -2.15
C ALA B 122 34.27 -18.66 -0.66
N GLY B 123 33.50 -19.34 0.18
CA GLY B 123 33.64 -19.26 1.62
C GLY B 123 33.47 -17.86 2.20
N THR B 124 33.29 -16.87 1.34
CA THR B 124 33.24 -15.48 1.76
C THR B 124 31.88 -14.82 1.59
N VAL B 125 30.90 -15.52 1.02
CA VAL B 125 29.63 -14.87 0.65
C VAL B 125 28.75 -14.80 1.89
N ARG B 126 28.50 -13.59 2.37
CA ARG B 126 27.62 -13.41 3.51
C ARG B 126 26.15 -13.58 3.14
N ARG B 127 25.77 -13.27 1.90
CA ARG B 127 24.37 -13.41 1.51
C ARG B 127 24.26 -13.45 -0.02
N VAL B 128 23.31 -14.25 -0.50
CA VAL B 128 22.95 -14.30 -1.91
C VAL B 128 21.57 -13.68 -2.08
N ILE B 129 21.45 -12.69 -2.98
CA ILE B 129 20.16 -12.14 -3.36
C ILE B 129 19.78 -12.72 -4.72
N LEU B 130 18.69 -13.47 -4.74
CA LEU B 130 18.16 -14.04 -5.98
C LEU B 130 17.09 -13.11 -6.54
N THR B 131 17.27 -12.65 -7.77
CA THR B 131 16.21 -11.92 -8.47
C THR B 131 15.33 -12.91 -9.19
N SER B 132 14.09 -13.03 -8.75
CA SER B 132 13.11 -13.82 -9.47
C SER B 132 12.05 -12.87 -10.02
N SER B 133 10.78 -13.22 -9.85
CA SER B 133 9.69 -12.33 -10.23
C SER B 133 8.40 -12.94 -9.68
N VAL B 134 7.30 -12.17 -9.76
CA VAL B 134 6.02 -12.62 -9.19
C VAL B 134 5.41 -13.72 -10.05
N ALA B 135 6.09 -14.10 -11.13
CA ALA B 135 5.73 -15.34 -11.84
C ALA B 135 5.68 -16.52 -10.87
N ALA B 136 6.48 -16.48 -9.82
CA ALA B 136 6.54 -17.51 -8.79
C ALA B 136 5.50 -17.29 -7.70
N VAL B 137 4.70 -16.23 -7.77
CA VAL B 137 3.77 -15.87 -6.72
C VAL B 137 2.32 -15.98 -7.19
N TYR B 138 2.01 -15.48 -8.39
CA TYR B 138 0.65 -15.08 -8.70
C TYR B 138 -0.24 -16.20 -9.26
N PHE B 139 0.33 -17.28 -9.78
CA PHE B 139 -0.54 -18.21 -10.51
C PHE B 139 -1.25 -19.15 -9.53
N ARG B 140 -2.39 -18.69 -9.06
CA ARG B 140 -3.18 -19.39 -8.05
C ARG B 140 -4.53 -19.70 -8.67
N PRO B 141 -4.79 -20.96 -9.04
CA PRO B 141 -6.06 -21.28 -9.71
C PRO B 141 -7.27 -20.97 -8.85
N ASP B 142 -7.16 -21.13 -7.52
CA ASP B 142 -8.25 -20.74 -6.63
C ASP B 142 -8.48 -19.23 -6.66
N LEU B 143 -7.44 -18.45 -6.34
CA LEU B 143 -7.66 -17.01 -6.16
C LEU B 143 -7.98 -16.33 -7.49
N LEU B 144 -7.29 -16.73 -8.57
CA LEU B 144 -7.57 -16.11 -9.86
C LEU B 144 -8.93 -16.53 -10.40
N GLY B 145 -9.40 -17.72 -10.05
CA GLY B 145 -10.59 -18.23 -10.70
C GLY B 145 -11.89 -18.06 -9.95
N ASP B 146 -11.86 -17.71 -8.66
CA ASP B 146 -13.11 -17.74 -7.92
C ASP B 146 -13.94 -16.46 -8.09
N GLY B 147 -13.42 -15.47 -8.80
CA GLY B 147 -14.21 -14.29 -9.07
C GLY B 147 -14.32 -13.31 -7.91
N HIS B 148 -13.61 -13.55 -6.80
CA HIS B 148 -13.50 -12.63 -5.69
C HIS B 148 -12.17 -11.86 -5.77
N GLY B 149 -12.12 -10.70 -5.11
CA GLY B 149 -10.85 -10.02 -4.95
C GLY B 149 -9.99 -10.71 -3.91
N HIS B 150 -8.67 -10.58 -4.06
CA HIS B 150 -7.73 -11.17 -3.12
C HIS B 150 -6.51 -10.27 -2.99
N VAL B 151 -5.88 -10.33 -1.82
CA VAL B 151 -4.57 -9.71 -1.59
C VAL B 151 -3.59 -10.84 -1.25
N LEU B 152 -2.72 -11.17 -2.19
CA LEU B 152 -1.65 -12.15 -2.02
C LEU B 152 -0.47 -11.56 -1.29
N ASP B 153 0.37 -12.44 -0.74
CA ASP B 153 1.66 -12.03 -0.18
C ASP B 153 2.68 -13.13 -0.44
N GLU B 154 3.83 -13.03 0.24
CA GLU B 154 4.96 -13.92 0.04
C GLU B 154 4.67 -15.37 0.43
N ASP B 155 3.54 -15.65 1.07
CA ASP B 155 3.13 -17.04 1.31
C ASP B 155 2.56 -17.68 0.04
N SER B 156 2.21 -16.90 -0.97
CA SER B 156 1.60 -17.44 -2.16
C SER B 156 2.67 -17.92 -3.13
N TRP B 157 2.51 -19.15 -3.63
CA TRP B 157 3.38 -19.76 -4.64
C TRP B 157 2.56 -20.18 -5.84
N SER B 158 3.06 -19.90 -7.05
CA SER B 158 2.36 -20.35 -8.25
C SER B 158 2.22 -21.87 -8.23
N ASP B 159 1.10 -22.36 -8.76
CA ASP B 159 0.66 -23.74 -8.57
C ASP B 159 1.30 -24.65 -9.62
N VAL B 160 2.43 -25.27 -9.28
CA VAL B 160 3.19 -26.04 -10.26
C VAL B 160 2.35 -27.19 -10.81
N ASP B 161 1.64 -27.91 -9.94
CA ASP B 161 0.83 -29.04 -10.42
C ASP B 161 -0.23 -28.59 -11.43
N PHE B 162 -0.93 -27.50 -11.11
CA PHE B 162 -1.95 -27.01 -12.04
C PHE B 162 -1.32 -26.54 -13.34
N LEU B 163 -0.15 -25.91 -13.26
CA LEU B 163 0.49 -25.40 -14.46
C LEU B 163 0.91 -26.54 -15.38
N ARG B 164 1.47 -27.61 -14.82
CA ARG B 164 1.84 -28.76 -15.64
C ARG B 164 0.61 -29.50 -16.16
N ALA B 165 -0.46 -29.55 -15.37
CA ALA B 165 -1.69 -30.22 -15.81
C ALA B 165 -2.31 -29.51 -17.00
N HIS B 166 -2.44 -28.19 -16.94
CA HIS B 166 -3.17 -27.44 -17.96
C HIS B 166 -2.29 -26.63 -18.89
N LYS B 167 -1.04 -26.36 -18.53
CA LYS B 167 -0.07 -25.70 -19.39
C LYS B 167 -0.58 -24.42 -20.05
N PRO B 168 -1.17 -23.51 -19.29
CA PRO B 168 -1.56 -22.20 -19.85
C PRO B 168 -0.35 -21.47 -20.39
N PRO B 169 -0.55 -20.39 -21.15
CA PRO B 169 0.60 -19.65 -21.69
C PRO B 169 1.49 -19.13 -20.56
N THR B 170 2.81 -19.23 -20.76
CA THR B 170 3.85 -18.86 -19.80
C THR B 170 3.95 -19.82 -18.63
N TRP B 171 3.26 -20.97 -18.67
CA TRP B 171 3.37 -21.92 -17.57
C TRP B 171 4.81 -22.29 -17.27
N SER B 172 5.67 -22.30 -18.29
CA SER B 172 7.03 -22.76 -18.06
C SER B 172 7.85 -21.69 -17.36
N HIS B 173 7.58 -20.41 -17.63
CA HIS B 173 8.24 -19.33 -16.90
C HIS B 173 7.92 -19.42 -15.41
N CYS B 174 6.66 -19.73 -15.07
CA CYS B 174 6.26 -19.80 -13.67
C CYS B 174 6.80 -21.04 -12.99
N VAL B 175 6.72 -22.20 -13.66
CA VAL B 175 7.22 -23.42 -13.03
C VAL B 175 8.72 -23.32 -12.78
N SER B 176 9.47 -22.79 -13.76
CA SER B 176 10.91 -22.69 -13.59
C SER B 176 11.29 -21.75 -12.44
N LYS B 177 10.57 -20.64 -12.28
CA LYS B 177 10.87 -19.72 -11.18
C LYS B 177 10.58 -20.37 -9.83
N VAL B 178 9.44 -21.05 -9.70
CA VAL B 178 9.11 -21.68 -8.42
C VAL B 178 10.17 -22.70 -8.05
N LEU B 179 10.44 -23.65 -8.95
CA LEU B 179 11.32 -24.76 -8.61
C LEU B 179 12.74 -24.28 -8.36
N LEU B 180 13.24 -23.33 -9.16
CA LEU B 180 14.60 -22.87 -8.92
C LEU B 180 14.72 -22.14 -7.58
N GLU B 181 13.67 -21.40 -7.18
CA GLU B 181 13.69 -20.76 -5.87
C GLU B 181 13.68 -21.80 -4.75
N LYS B 182 12.77 -22.79 -4.85
CA LYS B 182 12.71 -23.82 -3.83
C LYS B 182 14.03 -24.58 -3.75
N GLU B 183 14.58 -24.98 -4.89
CA GLU B 183 15.84 -25.71 -4.91
C GLU B 183 16.99 -24.85 -4.37
N ALA B 184 17.02 -23.56 -4.72
CA ALA B 184 18.07 -22.72 -4.17
C ALA B 184 17.92 -22.52 -2.66
N GLY B 185 16.67 -22.48 -2.17
CA GLY B 185 16.47 -22.40 -0.74
C GLY B 185 16.89 -23.67 -0.03
N ARG B 186 16.43 -24.82 -0.54
CA ARG B 186 16.89 -26.11 -0.04
C ARG B 186 18.41 -26.15 0.03
N PHE B 187 19.07 -25.71 -1.04
CA PHE B 187 20.53 -25.75 -1.10
C PHE B 187 21.15 -24.79 -0.08
N ALA B 188 20.61 -23.57 0.01
CA ALA B 188 21.14 -22.62 0.99
C ALA B 188 20.95 -23.13 2.41
N GLU B 189 19.87 -23.87 2.66
CA GLU B 189 19.68 -24.47 3.97
C GLU B 189 20.82 -25.44 4.28
N GLU B 190 20.97 -26.47 3.44
CA GLU B 190 21.88 -27.56 3.74
C GLU B 190 23.33 -27.10 3.79
N HIS B 191 23.67 -25.99 3.13
CA HIS B 191 25.05 -25.54 3.05
C HIS B 191 25.32 -24.29 3.88
N GLY B 192 24.35 -23.82 4.65
CA GLY B 192 24.59 -22.74 5.59
C GLY B 192 24.88 -21.38 4.97
N ILE B 193 24.23 -21.07 3.86
CA ILE B 193 24.43 -19.79 3.18
C ILE B 193 23.11 -19.04 3.19
N SER B 194 23.17 -17.76 3.50
CA SER B 194 21.95 -16.94 3.57
C SER B 194 21.47 -16.63 2.16
N LEU B 195 20.25 -17.02 1.84
CA LEU B 195 19.61 -16.73 0.56
C LEU B 195 18.35 -15.91 0.82
N VAL B 196 18.25 -14.74 0.17
CA VAL B 196 17.04 -13.93 0.17
C VAL B 196 16.61 -13.72 -1.28
N THR B 197 15.31 -13.86 -1.53
CA THR B 197 14.76 -13.77 -2.89
C THR B 197 13.84 -12.57 -3.02
N ILE B 198 13.99 -11.82 -4.11
CA ILE B 198 13.12 -10.68 -4.41
C ILE B 198 12.29 -11.02 -5.65
N LEU B 199 11.04 -10.53 -5.67
CA LEU B 199 10.02 -10.92 -6.64
C LEU B 199 9.39 -9.67 -7.26
N PRO B 200 10.03 -9.09 -8.28
CA PRO B 200 9.47 -7.90 -8.94
C PRO B 200 8.23 -8.20 -9.77
N VAL B 201 7.37 -7.18 -9.87
CA VAL B 201 6.29 -7.12 -10.85
C VAL B 201 6.88 -6.62 -12.19
N ILE B 202 6.07 -6.00 -13.05
CA ILE B 202 6.63 -5.39 -14.26
C ILE B 202 7.57 -4.25 -13.88
N VAL B 203 8.77 -4.25 -14.45
CA VAL B 203 9.81 -3.29 -14.10
C VAL B 203 9.85 -2.19 -15.16
N VAL B 204 9.98 -0.93 -14.73
CA VAL B 204 9.97 0.26 -15.59
C VAL B 204 11.21 1.10 -15.29
N GLY B 205 11.84 1.62 -16.34
CA GLY B 205 12.84 2.65 -16.20
C GLY B 205 14.10 2.36 -17.01
N ALA B 206 14.95 3.39 -17.08
CA ALA B 206 16.19 3.30 -17.84
C ALA B 206 17.26 2.52 -17.08
N ALA B 207 18.06 1.77 -17.81
CA ALA B 207 19.25 1.13 -17.29
C ALA B 207 20.41 1.35 -18.25
N PRO B 208 21.64 1.02 -17.84
CA PRO B 208 22.79 1.21 -18.74
C PRO B 208 22.91 0.18 -19.86
N ALA B 209 22.27 -1.00 -19.76
CA ALA B 209 22.50 -2.04 -20.77
C ALA B 209 22.07 -1.58 -22.17
N PRO B 210 22.92 -1.73 -23.18
CA PRO B 210 22.54 -1.29 -24.54
C PRO B 210 21.62 -2.26 -25.29
N LYS B 211 21.59 -3.53 -24.91
CA LYS B 211 20.84 -4.55 -25.66
C LYS B 211 19.68 -5.13 -24.87
N ALA B 212 19.16 -4.39 -23.89
CA ALA B 212 17.99 -4.87 -23.18
C ALA B 212 16.73 -4.70 -24.05
N ARG B 213 15.69 -5.45 -23.72
CA ARG B 213 14.42 -5.30 -24.41
C ARG B 213 13.34 -6.09 -23.68
N SER B 214 13.53 -7.40 -23.58
CA SER B 214 12.56 -8.29 -22.97
C SER B 214 11.90 -7.67 -21.73
N SER B 215 12.71 -7.17 -20.78
CA SER B 215 12.18 -6.61 -19.55
C SER B 215 11.50 -5.26 -19.75
N ILE B 216 11.63 -4.66 -20.94
CA ILE B 216 11.13 -3.33 -21.20
C ILE B 216 9.92 -3.30 -22.15
N VAL B 217 9.68 -4.37 -22.91
CA VAL B 217 8.66 -4.35 -23.96
C VAL B 217 7.27 -4.13 -23.35
N ASP B 218 6.96 -4.84 -22.27
CA ASP B 218 5.60 -4.78 -21.72
C ASP B 218 5.23 -3.35 -21.32
N CYS B 219 6.12 -2.66 -20.59
CA CYS B 219 5.73 -1.38 -20.04
C CYS B 219 5.67 -0.28 -21.10
N LEU B 220 6.32 -0.46 -22.25
CA LEU B 220 6.26 0.53 -23.33
C LEU B 220 5.27 0.17 -24.43
N SER B 221 4.56 -0.96 -24.33
CA SER B 221 3.83 -1.47 -25.48
C SER B 221 2.67 -0.57 -25.90
N MET B 222 2.08 0.18 -24.96
CA MET B 222 1.05 1.15 -25.35
C MET B 222 1.63 2.21 -26.28
N LEU B 223 2.89 2.59 -26.05
CA LEU B 223 3.55 3.61 -26.86
C LEU B 223 4.09 3.02 -28.16
N SER B 224 4.63 1.80 -28.10
CA SER B 224 5.22 1.18 -29.27
C SER B 224 4.19 0.44 -30.13
N GLY B 225 3.13 -0.06 -29.52
CA GLY B 225 2.20 -0.91 -30.23
C GLY B 225 2.60 -2.36 -30.31
N ASP B 226 3.71 -2.74 -29.66
CA ASP B 226 4.17 -4.12 -29.64
C ASP B 226 3.02 -5.07 -29.31
N GLU B 227 2.68 -5.93 -30.28
CA GLU B 227 1.50 -6.78 -30.15
C GLU B 227 1.64 -7.74 -28.97
N ALA B 228 2.83 -8.32 -28.80
CA ALA B 228 3.05 -9.27 -27.71
C ALA B 228 2.93 -8.58 -26.35
N GLY B 229 3.51 -7.39 -26.24
CA GLY B 229 3.39 -6.61 -25.01
C GLY B 229 1.96 -6.31 -24.64
N LEU B 230 1.19 -5.72 -25.55
CA LEU B 230 -0.21 -5.40 -25.26
C LEU B 230 -0.99 -6.64 -24.85
N ALA B 231 -0.78 -7.75 -25.57
CA ALA B 231 -1.46 -8.99 -25.21
C ALA B 231 -1.14 -9.37 -23.76
N MET B 232 0.13 -9.24 -23.37
CA MET B 232 0.53 -9.60 -22.01
C MET B 232 -0.15 -8.70 -20.98
N LEU B 233 -0.15 -7.38 -21.22
CA LEU B 233 -0.80 -6.47 -20.29
C LEU B 233 -2.28 -6.76 -20.16
N ARG B 234 -2.94 -7.04 -21.30
CA ARG B 234 -4.36 -7.35 -21.29
C ARG B 234 -4.64 -8.67 -20.59
N ALA B 235 -3.77 -9.66 -20.79
CA ALA B 235 -3.98 -10.93 -20.10
C ALA B 235 -3.83 -10.76 -18.59
N ILE B 236 -2.86 -9.94 -18.15
CA ILE B 236 -2.71 -9.72 -16.72
C ILE B 236 -3.94 -9.02 -16.16
N GLN B 237 -4.44 -8.01 -16.89
CA GLN B 237 -5.62 -7.29 -16.42
C GLN B 237 -6.85 -8.18 -16.42
N LYS B 238 -7.02 -9.02 -17.44
CA LYS B 238 -8.14 -9.94 -17.45
C LYS B 238 -8.10 -10.86 -16.24
N THR B 239 -6.90 -11.25 -15.81
CA THR B 239 -6.72 -12.15 -14.68
C THR B 239 -6.95 -11.44 -13.35
N SER B 240 -6.29 -10.29 -13.16
CA SER B 240 -6.16 -9.69 -11.85
C SER B 240 -6.87 -8.36 -11.69
N GLY B 241 -7.48 -7.82 -12.74
CA GLY B 241 -8.19 -6.54 -12.65
C GLY B 241 -7.31 -5.32 -12.76
N GLU B 242 -6.00 -5.50 -12.91
CA GLU B 242 -5.02 -4.43 -12.90
C GLU B 242 -3.68 -5.05 -13.27
N VAL B 243 -2.67 -4.20 -13.48
CA VAL B 243 -1.29 -4.65 -13.57
C VAL B 243 -0.49 -4.04 -12.40
N GLN B 244 0.73 -4.52 -12.19
CA GLN B 244 1.58 -4.04 -11.11
C GLN B 244 2.94 -3.65 -11.66
N LEU B 245 3.43 -2.47 -11.26
CA LEU B 245 4.62 -1.84 -11.80
C LEU B 245 5.56 -1.42 -10.69
N VAL B 246 6.85 -1.37 -11.01
CA VAL B 246 7.85 -0.83 -10.08
C VAL B 246 8.99 -0.25 -10.90
N HIS B 247 9.58 0.85 -10.41
CA HIS B 247 10.73 1.45 -11.08
C HIS B 247 11.99 0.61 -10.84
N VAL B 248 12.81 0.45 -11.91
CA VAL B 248 13.99 -0.40 -11.81
C VAL B 248 14.95 0.07 -10.72
N ASP B 249 14.98 1.38 -10.48
CA ASP B 249 15.89 1.91 -9.46
C ASP B 249 15.41 1.56 -8.05
N ASP B 250 14.09 1.51 -7.83
CA ASP B 250 13.59 1.02 -6.55
C ASP B 250 13.84 -0.47 -6.38
N LEU B 251 13.68 -1.24 -7.46
CA LEU B 251 14.03 -2.66 -7.38
C LEU B 251 15.49 -2.83 -7.00
N CYS B 252 16.37 -2.05 -7.62
CA CYS B 252 17.79 -2.15 -7.33
C CYS B 252 18.09 -1.73 -5.89
N ARG B 253 17.49 -0.64 -5.44
CA ARG B 253 17.68 -0.22 -4.06
C ARG B 253 17.13 -1.25 -3.07
N ALA B 254 16.04 -1.93 -3.45
CA ALA B 254 15.51 -2.99 -2.59
C ALA B 254 16.48 -4.17 -2.50
N GLU B 255 17.10 -4.54 -3.61
CA GLU B 255 18.06 -5.64 -3.57
C GLU B 255 19.25 -5.28 -2.70
N LEU B 256 19.73 -4.05 -2.82
CA LEU B 256 20.81 -3.60 -1.94
C LEU B 256 20.35 -3.60 -0.49
N PHE B 257 19.16 -3.07 -0.23
CA PHE B 257 18.60 -3.08 1.11
C PHE B 257 18.57 -4.49 1.70
N LEU B 258 18.16 -5.48 0.91
CA LEU B 258 18.01 -6.83 1.44
C LEU B 258 19.36 -7.49 1.70
N ALA B 259 20.39 -7.10 0.95
CA ALA B 259 21.71 -7.68 1.19
C ALA B 259 22.33 -7.13 2.46
N GLU B 260 22.09 -5.86 2.76
CA GLU B 260 22.79 -5.15 3.81
C GLU B 260 22.12 -5.23 5.18
N ASN B 261 20.84 -5.57 5.25
CA ASN B 261 20.11 -5.58 6.52
C ASN B 261 20.01 -7.02 7.02
N ALA B 262 20.73 -7.32 8.11
CA ALA B 262 20.91 -8.70 8.53
C ALA B 262 19.60 -9.40 8.83
N THR B 263 18.59 -8.67 9.30
CA THR B 263 17.32 -9.28 9.66
C THR B 263 16.50 -9.72 8.45
N ALA B 264 16.78 -9.22 7.25
CA ALA B 264 16.02 -9.66 6.08
C ALA B 264 16.10 -11.18 5.93
N ASN B 265 14.98 -11.79 5.55
CA ASN B 265 14.85 -13.24 5.56
C ASN B 265 13.77 -13.67 4.58
N GLY B 266 14.03 -14.76 3.84
CA GLY B 266 13.03 -15.32 2.94
C GLY B 266 12.85 -14.57 1.64
N ARG B 267 11.61 -14.40 1.19
CA ARG B 267 11.30 -13.81 -0.11
C ARG B 267 10.49 -12.53 0.08
N TYR B 268 10.64 -11.59 -0.87
CA TYR B 268 9.99 -10.28 -0.83
C TYR B 268 9.39 -9.91 -2.18
N ILE B 269 8.10 -9.57 -2.19
CA ILE B 269 7.49 -8.97 -3.37
C ILE B 269 8.01 -7.53 -3.53
N CYS B 270 8.29 -7.12 -4.76
CA CYS B 270 8.72 -5.75 -5.04
C CYS B 270 7.79 -5.10 -6.05
N SER B 271 6.98 -4.15 -5.59
CA SER B 271 5.91 -3.55 -6.36
C SER B 271 5.59 -2.19 -5.76
N ARG B 272 5.13 -1.25 -6.58
CA ARG B 272 4.82 0.07 -6.05
C ARG B 272 3.50 0.66 -6.55
N TYR B 273 3.11 0.42 -7.81
CA TYR B 273 1.91 1.02 -8.35
C TYR B 273 1.12 -0.02 -9.14
N HIS B 274 -0.22 -0.06 -8.93
CA HIS B 274 -1.07 -1.07 -9.58
C HIS B 274 -2.25 -0.41 -10.27
N PRO B 275 -2.06 0.12 -11.47
CA PRO B 275 -3.13 0.77 -12.21
C PRO B 275 -3.88 -0.22 -13.10
N THR B 276 -5.11 0.14 -13.41
CA THR B 276 -5.78 -0.46 -14.54
C THR B 276 -5.14 0.02 -15.84
N LEU B 277 -5.42 -0.68 -16.94
CA LEU B 277 -4.85 -0.28 -18.22
C LEU B 277 -5.41 1.07 -18.67
N VAL B 278 -6.70 1.32 -18.41
CA VAL B 278 -7.26 2.60 -18.82
C VAL B 278 -6.59 3.76 -18.06
N GLU B 279 -6.33 3.58 -16.76
CA GLU B 279 -5.57 4.59 -16.04
C GLU B 279 -4.19 4.77 -16.64
N LEU B 280 -3.48 3.66 -16.88
CA LEU B 280 -2.14 3.74 -17.45
C LEU B 280 -2.17 4.38 -18.83
N ALA B 281 -3.06 3.89 -19.70
CA ALA B 281 -3.17 4.47 -21.03
C ALA B 281 -3.51 5.97 -20.96
N THR B 282 -4.39 6.34 -20.02
CA THR B 282 -4.76 7.76 -19.92
C THR B 282 -3.56 8.61 -19.52
N PHE B 283 -2.79 8.15 -18.54
CA PHE B 283 -1.57 8.86 -18.16
C PHE B 283 -0.63 8.98 -19.35
N LEU B 284 -0.40 7.88 -20.07
CA LEU B 284 0.57 7.90 -21.16
C LEU B 284 0.12 8.81 -22.29
N ALA B 285 -1.17 8.73 -22.64
CA ALA B 285 -1.72 9.58 -23.69
C ALA B 285 -1.53 11.06 -23.36
N GLN B 286 -1.78 11.44 -22.11
CA GLN B 286 -1.66 12.84 -21.72
C GLN B 286 -0.21 13.29 -21.73
N LYS B 287 0.69 12.49 -21.16
CA LYS B 287 2.07 12.96 -21.03
C LYS B 287 2.87 12.78 -22.32
N TYR B 288 2.55 11.79 -23.13
CA TYR B 288 3.31 11.49 -24.34
C TYR B 288 2.37 11.38 -25.54
N PRO B 289 1.70 12.49 -25.90
CA PRO B 289 0.68 12.41 -26.97
C PRO B 289 1.24 12.08 -28.34
N GLN B 290 2.54 12.25 -28.57
CA GLN B 290 3.13 12.00 -29.88
C GLN B 290 3.00 10.55 -30.33
N TYR B 291 2.55 9.65 -29.47
CA TYR B 291 2.40 8.25 -29.85
C TYR B 291 0.97 7.87 -30.19
N GLY B 292 0.02 8.78 -30.03
CA GLY B 292 -1.36 8.50 -30.40
C GLY B 292 -2.01 7.35 -29.65
N VAL B 293 -1.78 7.27 -28.34
CA VAL B 293 -2.47 6.26 -27.53
C VAL B 293 -3.95 6.58 -27.49
N LYS B 294 -4.80 5.59 -27.76
CA LYS B 294 -6.23 5.79 -27.57
C LYS B 294 -6.64 5.08 -26.29
N PRO B 295 -6.83 5.81 -25.18
CA PRO B 295 -7.22 5.14 -23.93
C PRO B 295 -8.48 4.31 -24.03
N THR B 296 -9.42 4.67 -24.93
CA THR B 296 -10.63 3.86 -25.12
C THR B 296 -10.31 2.48 -25.68
N ASP B 297 -9.13 2.29 -26.27
CA ASP B 297 -8.73 0.94 -26.66
C ASP B 297 -8.55 0.01 -25.47
N PHE B 298 -8.44 0.55 -24.25
CA PHE B 298 -8.22 -0.25 -23.05
C PHE B 298 -9.32 -0.05 -22.02
N ASP B 299 -10.46 0.47 -22.44
CA ASP B 299 -11.60 0.50 -21.54
C ASP B 299 -12.07 -0.92 -21.28
N ASP B 300 -12.44 -1.18 -20.03
CA ASP B 300 -12.79 -2.53 -19.65
C ASP B 300 -13.74 -2.46 -18.47
N GLU B 301 -14.60 -3.47 -18.39
CA GLU B 301 -15.39 -3.70 -17.19
C GLU B 301 -14.47 -3.72 -15.98
N GLU B 302 -14.97 -3.23 -14.86
CA GLU B 302 -14.25 -3.40 -13.62
C GLU B 302 -14.27 -4.86 -13.21
N ARG B 303 -13.11 -5.39 -12.86
CA ARG B 303 -12.95 -6.78 -12.50
C ARG B 303 -12.46 -6.90 -11.06
N PRO B 304 -12.75 -8.01 -10.39
CA PRO B 304 -12.21 -8.21 -9.03
C PRO B 304 -10.69 -8.08 -9.03
N ARG B 305 -10.16 -7.36 -8.05
CA ARG B 305 -8.72 -7.14 -7.97
C ARG B 305 -8.06 -8.28 -7.19
N VAL B 306 -7.08 -8.92 -7.82
CA VAL B 306 -6.19 -9.89 -7.20
C VAL B 306 -4.81 -9.27 -7.26
N THR B 307 -4.32 -8.77 -6.13
CA THR B 307 -3.12 -7.96 -6.13
C THR B 307 -2.10 -8.47 -5.11
N MET B 308 -0.83 -8.20 -5.42
CA MET B 308 0.30 -8.61 -4.60
C MET B 308 0.63 -7.53 -3.60
N SER B 309 0.65 -7.88 -2.32
CA SER B 309 0.94 -6.91 -1.28
C SER B 309 2.40 -6.48 -1.33
N LEU B 310 2.65 -5.20 -1.07
CA LEU B 310 4.00 -4.66 -1.01
C LEU B 310 4.50 -4.52 0.43
N GLU B 311 3.74 -4.98 1.41
CA GLU B 311 3.98 -4.56 2.79
C GLU B 311 5.19 -5.21 3.44
N LYS B 312 5.64 -6.39 3.01
CA LYS B 312 6.77 -7.01 3.70
C LYS B 312 8.02 -6.14 3.62
N LEU B 313 8.36 -5.66 2.44
CA LEU B 313 9.54 -4.78 2.32
C LEU B 313 9.36 -3.52 3.16
N ILE B 314 8.16 -2.93 3.14
CA ILE B 314 7.88 -1.73 3.93
C ILE B 314 8.11 -2.00 5.41
N ARG B 315 7.57 -3.11 5.93
CA ARG B 315 7.70 -3.45 7.35
C ARG B 315 9.16 -3.50 7.76
N GLU B 316 10.03 -3.95 6.88
CA GLU B 316 11.45 -4.06 7.23
C GLU B 316 12.19 -2.74 7.14
N GLY B 317 11.52 -1.65 6.79
CA GLY B 317 12.13 -0.33 6.77
C GLY B 317 12.55 0.21 5.42
N PHE B 318 12.23 -0.47 4.32
CA PHE B 318 12.58 0.02 2.99
C PHE B 318 11.65 1.16 2.56
N GLU B 319 12.19 2.08 1.75
CA GLU B 319 11.44 3.22 1.25
C GLU B 319 11.58 3.32 -0.26
N TYR B 320 10.45 3.35 -0.97
CA TYR B 320 10.42 3.54 -2.41
C TYR B 320 10.59 5.01 -2.75
N LYS B 321 11.28 5.30 -3.87
CA LYS B 321 11.49 6.68 -4.29
C LYS B 321 10.60 7.10 -5.45
N HIS B 322 10.11 6.14 -6.26
CA HIS B 322 9.23 6.42 -7.39
C HIS B 322 7.83 5.94 -7.02
N ASN B 323 7.00 6.87 -6.52
CA ASN B 323 5.76 6.53 -5.88
C ASN B 323 4.52 6.84 -6.70
N THR B 324 4.57 7.82 -7.58
CA THR B 324 3.44 8.12 -8.46
C THR B 324 3.66 7.42 -9.80
N LEU B 325 2.57 7.30 -10.56
CA LEU B 325 2.70 6.68 -11.88
C LEU B 325 3.71 7.43 -12.73
N GLU B 326 3.66 8.76 -12.67
CA GLU B 326 4.54 9.59 -13.49
C GLU B 326 6.00 9.39 -13.10
N GLU B 327 6.27 9.26 -11.79
CA GLU B 327 7.64 9.02 -11.35
C GLU B 327 8.14 7.65 -11.78
N ILE B 328 7.26 6.64 -11.76
CA ILE B 328 7.67 5.30 -12.21
C ILE B 328 8.05 5.34 -13.68
N TYR B 329 7.35 6.17 -14.48
CA TYR B 329 7.66 6.35 -15.89
C TYR B 329 8.59 7.54 -16.15
N ASP B 330 9.44 7.92 -15.19
CA ASP B 330 10.11 9.21 -15.30
C ASP B 330 11.16 9.22 -16.42
N ASN B 331 11.75 8.08 -16.75
CA ASN B 331 12.85 8.11 -17.70
C ASN B 331 12.83 6.95 -18.69
N VAL B 332 11.78 6.13 -18.71
CA VAL B 332 11.78 4.94 -19.53
C VAL B 332 11.60 5.28 -21.01
N VAL B 333 10.91 6.37 -21.34
CA VAL B 333 10.63 6.69 -22.74
C VAL B 333 11.93 7.04 -23.47
N GLU B 334 12.78 7.86 -22.86
CA GLU B 334 14.07 8.15 -23.48
C GLU B 334 14.88 6.88 -23.67
N TYR B 335 14.72 5.91 -22.77
CA TYR B 335 15.43 4.64 -22.91
C TYR B 335 14.89 3.84 -24.08
N GLY B 336 13.56 3.78 -24.21
CA GLY B 336 12.98 3.07 -25.35
C GLY B 336 13.37 3.69 -26.68
N LYS B 337 13.52 5.01 -26.73
CA LYS B 337 14.07 5.65 -27.91
C LYS B 337 15.48 5.13 -28.20
N ALA B 338 16.37 5.24 -27.21
CA ALA B 338 17.75 4.83 -27.41
C ALA B 338 17.87 3.35 -27.80
N LEU B 339 16.97 2.50 -27.30
CA LEU B 339 16.99 1.09 -27.66
C LEU B 339 16.34 0.82 -29.02
N GLY B 340 15.64 1.79 -29.58
CA GLY B 340 14.88 1.51 -30.79
C GLY B 340 13.53 0.86 -30.57
N ILE B 341 13.10 0.67 -29.33
CA ILE B 341 11.75 0.19 -29.07
C ILE B 341 10.73 1.23 -29.54
N LEU B 342 11.10 2.50 -29.49
CA LEU B 342 10.23 3.57 -29.93
C LEU B 342 10.88 4.32 -31.09
N PRO B 343 10.08 4.77 -32.05
CA PRO B 343 10.64 5.42 -33.26
C PRO B 343 11.15 6.83 -33.04
N TYR B 344 10.81 7.50 -31.94
CA TYR B 344 11.21 8.90 -31.76
C TYR B 344 10.90 9.39 -30.36
C1 NAR C . -12.07 10.51 2.56
C2 NAR C . -11.23 9.93 1.62
C3 NAR C . -10.46 10.68 0.73
C4 NAR C . -10.54 12.07 0.77
C5 NAR C . -11.39 12.65 1.69
C6 NAR C . -12.17 11.90 2.61
C7 NAR C . -11.47 14.14 1.75
C8 NAR C . -12.07 14.78 2.88
C9 NAR C . -12.68 13.92 3.98
O1 NAR C . -13.07 12.62 3.57
O2 NAR C . -11.00 14.77 0.86
C10 NAR C . -13.88 14.78 4.46
C11 NAR C . -15.11 14.20 4.74
C12 NAR C . -16.16 15.00 5.15
C13 NAR C . -16.01 16.37 5.28
C14 NAR C . -14.78 16.96 4.99
C15 NAR C . -13.73 16.17 4.59
O3 NAR C . -17.09 17.16 5.69
O4 NAR C . -11.09 8.56 1.50
O5 NAR C . -9.79 12.84 -0.12
H11 NAR C . -12.65 9.91 3.24
H31 NAR C . -9.80 10.19 0.02
H81 NAR C . -11.31 15.39 3.35
H82 NAR C . -12.86 15.42 2.51
H9 NAR C . -11.99 13.73 4.79
H111 NAR C . -15.24 13.13 4.64
H121 NAR C . -17.12 14.55 5.38
H141 NAR C . -14.67 18.04 5.07
H151 NAR C . -12.77 16.62 4.37
HO3 NAR C . -17.80 16.60 5.94
H41 NAR C . -10.60 8.41 0.72
H51 NAR C . -8.93 13.00 0.25
S SO4 D . -22.10 9.01 14.25
O1 SO4 D . -20.62 9.05 14.22
O2 SO4 D . -22.52 8.29 15.45
O3 SO4 D . -22.61 8.35 13.05
O4 SO4 D . -22.62 10.37 14.28
S SO4 E . 2.77 -1.92 29.39
O1 SO4 E . 1.99 -3.15 29.31
O2 SO4 E . 2.82 -1.48 30.79
O3 SO4 E . 2.12 -0.90 28.56
O4 SO4 E . 4.11 -2.15 28.89
C1 NAR F . 5.11 -10.68 -17.72
C2 NAR F . 5.81 -11.30 -18.75
C3 NAR F . 6.10 -12.69 -18.67
C4 NAR F . 5.69 -13.43 -17.54
C5 NAR F . 5.00 -12.79 -16.52
C6 NAR F . 4.71 -11.42 -16.59
C7 NAR F . 4.55 -13.47 -15.24
C8 NAR F . 4.55 -12.60 -14.06
C9 NAR F . 3.45 -11.60 -14.35
O1 NAR F . 3.92 -10.84 -15.45
O2 NAR F . 4.29 -14.63 -15.21
C10 NAR F . 2.80 -10.47 -13.53
C11 NAR F . 3.31 -9.19 -13.58
C12 NAR F . 2.65 -8.16 -12.91
C13 NAR F . 1.45 -8.43 -12.24
C14 NAR F . 0.92 -9.73 -12.25
C15 NAR F . 1.60 -10.74 -12.92
O3 NAR F . 0.78 -7.39 -11.57
O4 NAR F . 6.22 -10.58 -19.89
O5 NAR F . 5.95 -14.80 -17.43
H11 NAR F . 4.90 -9.62 -17.77
H31 NAR F . 6.63 -13.18 -19.47
H81 NAR F . 4.34 -13.15 -13.16
H82 NAR F . 5.51 -12.10 -13.96
H9 NAR F . 2.63 -12.32 -14.24
H111 NAR F . 4.22 -8.98 -14.13
H121 NAR F . 3.06 -7.17 -12.90
H141 NAR F . 0.00 -9.95 -11.73
H151 NAR F . 1.17 -11.74 -12.98
HO3 NAR F . 0.06 -7.74 -11.10
H41 NAR F . 6.80 -11.11 -20.41
H51 NAR F . 5.12 -15.26 -17.46
S SO4 G . 16.50 -8.17 -20.57
O1 SO4 G . 17.87 -7.71 -20.33
O2 SO4 G . 16.01 -8.82 -19.35
O3 SO4 G . 15.62 -7.05 -20.89
O4 SO4 G . 16.48 -9.11 -21.69
S SO4 H . 22.96 -13.23 -22.43
O1 SO4 H . 22.07 -13.09 -21.29
O2 SO4 H . 24.29 -13.63 -21.96
O3 SO4 H . 23.05 -11.96 -23.14
O4 SO4 H . 22.44 -14.25 -23.35
#